data_1U76
#
_entry.id   1U76
#
_cell.length_a   82.480
_cell.length_b   82.480
_cell.length_c   203.800
_cell.angle_alpha   90.00
_cell.angle_beta   90.00
_cell.angle_gamma   120.00
#
_symmetry.space_group_name_H-M   'P 32 2 1'
#
loop_
_entity.id
_entity.type
_entity.pdbx_description
1 polymer 'Proliferating cell nuclear antigen'
2 polymer 'KANRQVSITGFFQRK peptide from DNA polymerase delta subunit 3'
3 water water
#
loop_
_entity_poly.entity_id
_entity_poly.type
_entity_poly.pdbx_seq_one_letter_code
_entity_poly.pdbx_strand_id
1 'polypeptide(L)'
;MFEARLVQGSILKKVLEALKDLINEACWDISSSGVNLQSMDSSHVSLVQLTLRSEGFDTYRCDRNLAMGVNLTSMSKILK
CAGNEDIITLRAEDNADTLALVFEAPNQEKVSDYEMKLMDLDVEQLGIPEQEYSCVVKMPSGEFARICRDLSHIGDAVVI
SCAKDGVKFSASGELGNGNIKLSQTSNVDKEEEAVTIEMNEPVQLTFALRYLNFFTKATPLSSTVTLSMSADVPLVVEYK
IADMGHLKYYLAPKIEDEEGS
;
A,C,E
2 'polypeptide(L)' KANRQVSITGFFQRK B,D,F
#
# COMPACT_ATOMS: atom_id res chain seq x y z
N MET A 1 -36.98 -2.26 -22.74
CA MET A 1 -36.11 -1.21 -22.17
C MET A 1 -35.89 -1.43 -20.67
N PHE A 2 -34.66 -1.75 -20.29
CA PHE A 2 -34.31 -2.01 -18.89
C PHE A 2 -33.86 -0.76 -18.15
N GLU A 3 -34.26 -0.69 -16.88
CA GLU A 3 -33.90 0.44 -16.04
C GLU A 3 -34.04 0.10 -14.56
N ALA A 4 -32.91 0.07 -13.85
CA ALA A 4 -32.89 -0.24 -12.43
C ALA A 4 -32.10 0.82 -11.66
N ARG A 5 -32.65 1.23 -10.53
CA ARG A 5 -32.05 2.26 -9.70
C ARG A 5 -31.62 1.66 -8.37
N LEU A 6 -30.32 1.68 -8.10
CA LEU A 6 -29.76 1.11 -6.88
C LEU A 6 -29.12 2.21 -6.03
N VAL A 7 -29.72 2.53 -4.89
CA VAL A 7 -29.20 3.58 -4.03
C VAL A 7 -27.90 3.21 -3.34
N GLN A 8 -27.78 1.97 -2.88
CA GLN A 8 -26.53 1.55 -2.24
C GLN A 8 -25.62 0.96 -3.32
N GLY A 9 -25.34 1.78 -4.33
CA GLY A 9 -24.49 1.37 -5.43
C GLY A 9 -23.19 0.68 -5.08
N SER A 10 -22.71 0.84 -3.85
CA SER A 10 -21.47 0.21 -3.44
C SER A 10 -21.64 -1.30 -3.55
N ILE A 11 -22.89 -1.73 -3.54
CA ILE A 11 -23.20 -3.14 -3.65
C ILE A 11 -22.76 -3.64 -5.01
N LEU A 12 -23.06 -2.85 -6.04
CA LEU A 12 -22.70 -3.26 -7.38
C LEU A 12 -21.19 -3.30 -7.49
N LYS A 13 -20.54 -2.31 -6.88
CA LYS A 13 -19.09 -2.24 -6.91
C LYS A 13 -18.51 -3.48 -6.27
N LYS A 14 -19.01 -3.83 -5.09
CA LYS A 14 -18.52 -5.01 -4.40
C LYS A 14 -18.74 -6.28 -5.21
N VAL A 15 -19.88 -6.35 -5.92
CA VAL A 15 -20.18 -7.52 -6.73
C VAL A 15 -19.14 -7.73 -7.83
N LEU A 16 -18.83 -6.68 -8.58
CA LEU A 16 -17.87 -6.83 -9.65
C LEU A 16 -16.49 -7.13 -9.15
N GLU A 17 -16.14 -6.59 -7.97
CA GLU A 17 -14.84 -6.84 -7.40
C GLU A 17 -14.74 -8.30 -6.98
N ALA A 18 -15.89 -8.96 -6.90
CA ALA A 18 -15.92 -10.35 -6.50
C ALA A 18 -16.02 -11.31 -7.70
N LEU A 19 -16.31 -10.77 -8.89
CA LEU A 19 -16.45 -11.63 -10.07
C LEU A 19 -15.32 -11.45 -11.08
N LYS A 20 -14.88 -10.21 -11.23
CA LYS A 20 -13.84 -9.83 -12.19
C LYS A 20 -12.61 -10.73 -12.26
N ASP A 21 -12.10 -11.15 -11.11
CA ASP A 21 -10.90 -11.97 -11.10
C ASP A 21 -11.14 -13.44 -11.34
N LEU A 22 -12.40 -13.82 -11.33
CA LEU A 22 -12.76 -15.21 -11.54
C LEU A 22 -13.35 -15.36 -12.93
N ILE A 23 -14.09 -14.34 -13.36
CA ILE A 23 -14.75 -14.34 -14.66
C ILE A 23 -14.36 -13.17 -15.56
N ASN A 24 -14.02 -13.47 -16.82
CA ASN A 24 -13.62 -12.45 -17.79
C ASN A 24 -14.85 -11.92 -18.50
N GLU A 25 -15.61 -12.82 -19.10
CA GLU A 25 -16.82 -12.46 -19.84
C GLU A 25 -18.01 -13.26 -19.35
N ALA A 26 -19.06 -12.57 -18.93
CA ALA A 26 -20.26 -13.22 -18.42
C ALA A 26 -21.51 -12.68 -19.09
N CYS A 27 -22.64 -13.33 -18.81
CA CYS A 27 -23.91 -12.93 -19.37
C CYS A 27 -24.85 -12.55 -18.24
N TRP A 28 -25.45 -11.36 -18.33
CA TRP A 28 -26.36 -10.88 -17.31
C TRP A 28 -27.81 -11.01 -17.76
N ASP A 29 -28.53 -11.95 -17.15
CA ASP A 29 -29.93 -12.17 -17.49
C ASP A 29 -30.79 -11.21 -16.71
N ILE A 30 -31.50 -10.35 -17.43
CA ILE A 30 -32.38 -9.37 -16.80
C ILE A 30 -33.82 -9.79 -17.09
N SER A 31 -34.71 -9.54 -16.15
CA SER A 31 -36.12 -9.87 -16.30
C SER A 31 -36.89 -9.15 -15.19
N SER A 32 -38.20 -9.34 -15.14
CA SER A 32 -39.01 -8.67 -14.12
C SER A 32 -38.72 -9.20 -12.72
N SER A 33 -38.09 -10.37 -12.66
CA SER A 33 -37.74 -10.95 -11.37
C SER A 33 -36.52 -10.24 -10.79
N GLY A 34 -35.58 -9.90 -11.65
CA GLY A 34 -34.38 -9.21 -11.21
C GLY A 34 -33.20 -9.68 -12.05
N VAL A 35 -32.02 -9.13 -11.76
CA VAL A 35 -30.82 -9.52 -12.51
C VAL A 35 -30.29 -10.84 -11.98
N ASN A 36 -29.67 -11.62 -12.87
CA ASN A 36 -29.14 -12.92 -12.51
C ASN A 36 -27.94 -13.21 -13.38
N LEU A 37 -26.99 -13.95 -12.85
CA LEU A 37 -25.81 -14.29 -13.61
C LEU A 37 -25.25 -15.63 -13.15
N GLN A 38 -25.00 -16.52 -14.10
CA GLN A 38 -24.48 -17.84 -13.78
C GLN A 38 -23.37 -18.14 -14.79
N SER A 39 -22.17 -18.43 -14.29
CA SER A 39 -21.07 -18.71 -15.20
C SER A 39 -19.95 -19.52 -14.59
N MET A 40 -19.39 -20.43 -15.38
CA MET A 40 -18.27 -21.25 -14.95
C MET A 40 -17.13 -20.26 -14.88
N ASP A 41 -16.07 -20.59 -14.16
CA ASP A 41 -14.93 -19.70 -14.13
C ASP A 41 -14.09 -20.06 -15.36
N SER A 42 -13.00 -19.33 -15.55
CA SER A 42 -12.12 -19.59 -16.68
C SER A 42 -11.74 -21.07 -16.62
N SER A 43 -11.07 -21.43 -15.53
CA SER A 43 -10.59 -22.78 -15.28
C SER A 43 -11.61 -23.90 -15.39
N HIS A 44 -12.89 -23.56 -15.40
CA HIS A 44 -13.95 -24.57 -15.49
C HIS A 44 -13.90 -25.53 -14.31
N VAL A 45 -13.57 -24.97 -13.15
CA VAL A 45 -13.46 -25.70 -11.89
C VAL A 45 -14.57 -25.23 -10.93
N SER A 46 -15.21 -24.11 -11.25
CA SER A 46 -16.25 -23.58 -10.39
C SER A 46 -17.33 -22.86 -11.17
N LEU A 47 -18.42 -22.56 -10.46
CA LEU A 47 -19.58 -21.89 -11.04
C LEU A 47 -20.04 -20.78 -10.10
N VAL A 48 -20.30 -19.60 -10.66
CA VAL A 48 -20.75 -18.46 -9.86
C VAL A 48 -22.21 -18.19 -10.17
N GLN A 49 -23.02 -17.97 -9.13
CA GLN A 49 -24.43 -17.72 -9.28
C GLN A 49 -24.78 -16.42 -8.55
N LEU A 50 -25.11 -15.38 -9.30
CA LEU A 50 -25.46 -14.10 -8.71
C LEU A 50 -26.94 -13.92 -8.86
N THR A 51 -27.57 -13.40 -7.80
CA THR A 51 -29.01 -13.16 -7.78
C THR A 51 -29.32 -11.80 -7.17
N LEU A 52 -29.80 -10.89 -8.02
CA LEU A 52 -30.18 -9.54 -7.59
C LEU A 52 -31.66 -9.35 -7.90
N ARG A 53 -32.50 -9.60 -6.89
CA ARG A 53 -33.95 -9.49 -7.01
C ARG A 53 -34.39 -8.04 -7.20
N SER A 54 -35.38 -7.83 -8.05
CA SER A 54 -35.89 -6.49 -8.30
C SER A 54 -36.37 -5.79 -7.04
N GLU A 55 -36.82 -6.56 -6.05
CA GLU A 55 -37.29 -5.98 -4.80
C GLU A 55 -36.21 -5.12 -4.15
N GLY A 56 -34.99 -5.64 -4.15
CA GLY A 56 -33.85 -4.96 -3.55
C GLY A 56 -33.59 -3.62 -4.18
N PHE A 57 -33.86 -3.50 -5.47
CA PHE A 57 -33.64 -2.23 -6.15
C PHE A 57 -34.71 -1.24 -5.73
N ASP A 58 -34.31 0.03 -5.67
CA ASP A 58 -35.19 1.13 -5.27
C ASP A 58 -36.08 1.61 -6.40
N THR A 59 -35.96 0.96 -7.55
CA THR A 59 -36.72 1.30 -8.75
C THR A 59 -36.29 0.31 -9.84
N TYR A 60 -37.07 -0.74 -10.04
CA TYR A 60 -36.70 -1.70 -11.07
C TYR A 60 -37.67 -1.52 -12.22
N ARG A 61 -37.33 -2.05 -13.40
CA ARG A 61 -38.20 -1.90 -14.57
C ARG A 61 -37.60 -2.64 -15.77
N CYS A 62 -38.25 -3.72 -16.17
CA CYS A 62 -37.78 -4.52 -17.30
C CYS A 62 -38.91 -4.85 -18.28
N ASP A 63 -38.92 -4.15 -19.42
CA ASP A 63 -39.94 -4.36 -20.46
C ASP A 63 -39.66 -5.65 -21.25
N ARG A 64 -38.46 -5.73 -21.83
CA ARG A 64 -38.07 -6.92 -22.58
C ARG A 64 -36.98 -7.69 -21.82
N ASN A 65 -37.11 -9.01 -21.76
CA ASN A 65 -36.14 -9.85 -21.07
C ASN A 65 -34.81 -9.71 -21.80
N LEU A 66 -33.76 -9.35 -21.05
CA LEU A 66 -32.44 -9.14 -21.62
C LEU A 66 -31.36 -10.15 -21.25
N ALA A 67 -30.39 -10.28 -22.15
CA ALA A 67 -29.25 -11.17 -21.97
C ALA A 67 -28.06 -10.34 -22.41
N MET A 68 -27.35 -9.77 -21.44
CA MET A 68 -26.22 -8.93 -21.77
C MET A 68 -24.84 -9.54 -21.59
N GLY A 69 -24.24 -9.92 -22.70
CA GLY A 69 -22.91 -10.47 -22.63
C GLY A 69 -21.99 -9.34 -22.20
N VAL A 70 -21.59 -9.35 -20.95
CA VAL A 70 -20.74 -8.30 -20.44
C VAL A 70 -19.31 -8.74 -20.18
N ASN A 71 -18.37 -7.83 -20.40
CA ASN A 71 -16.96 -8.07 -20.13
C ASN A 71 -16.84 -7.54 -18.71
N LEU A 72 -16.74 -8.45 -17.75
CA LEU A 72 -16.66 -8.06 -16.35
C LEU A 72 -15.47 -7.20 -16.02
N THR A 73 -14.45 -7.25 -16.88
CA THR A 73 -13.27 -6.43 -16.65
C THR A 73 -13.54 -4.97 -17.00
N SER A 74 -14.21 -4.75 -18.12
CA SER A 74 -14.54 -3.40 -18.53
C SER A 74 -15.57 -2.85 -17.58
N MET A 75 -16.55 -3.68 -17.22
CA MET A 75 -17.60 -3.23 -16.31
C MET A 75 -17.02 -2.90 -14.93
N SER A 76 -15.96 -3.61 -14.56
CA SER A 76 -15.32 -3.41 -13.28
C SER A 76 -14.59 -2.08 -13.30
N LYS A 77 -13.79 -1.87 -14.33
CA LYS A 77 -13.07 -0.62 -14.48
C LYS A 77 -14.08 0.52 -14.42
N ILE A 78 -15.10 0.45 -15.27
CA ILE A 78 -16.12 1.48 -15.30
C ILE A 78 -16.70 1.70 -13.91
N LEU A 79 -17.05 0.63 -13.23
CA LEU A 79 -17.64 0.76 -11.90
C LEU A 79 -16.75 1.40 -10.85
N LYS A 80 -15.46 1.47 -11.12
CA LYS A 80 -14.54 2.09 -10.16
C LYS A 80 -14.61 3.62 -10.27
N CYS A 81 -15.37 4.09 -11.25
CA CYS A 81 -15.54 5.52 -11.43
C CYS A 81 -16.78 5.96 -10.65
N ALA A 82 -17.21 5.11 -9.72
CA ALA A 82 -18.37 5.40 -8.89
C ALA A 82 -17.96 5.52 -7.43
N GLY A 83 -18.49 6.54 -6.76
CA GLY A 83 -18.18 6.73 -5.37
C GLY A 83 -18.94 5.67 -4.62
N ASN A 84 -18.46 5.30 -3.46
CA ASN A 84 -19.15 4.29 -2.66
C ASN A 84 -20.48 4.80 -2.15
N GLU A 85 -20.83 6.03 -2.51
CA GLU A 85 -22.09 6.64 -2.07
C GLU A 85 -23.02 7.08 -3.19
N ASP A 86 -22.53 7.04 -4.43
CA ASP A 86 -23.35 7.44 -5.58
C ASP A 86 -24.51 6.49 -5.79
N ILE A 87 -25.55 7.01 -6.43
CA ILE A 87 -26.74 6.22 -6.76
C ILE A 87 -26.43 5.69 -8.15
N ILE A 88 -26.45 4.38 -8.31
CA ILE A 88 -26.15 3.82 -9.61
C ILE A 88 -27.42 3.42 -10.34
N THR A 89 -27.42 3.61 -11.65
CA THR A 89 -28.57 3.27 -12.46
C THR A 89 -28.20 2.47 -13.70
N LEU A 90 -28.64 1.22 -13.78
CA LEU A 90 -28.36 0.42 -14.96
C LEU A 90 -29.54 0.75 -15.86
N ARG A 91 -29.27 0.91 -17.14
CA ARG A 91 -30.32 1.23 -18.08
C ARG A 91 -29.91 0.75 -19.44
N ALA A 92 -30.76 -0.07 -20.05
CA ALA A 92 -30.44 -0.61 -21.37
C ALA A 92 -31.58 -0.46 -22.36
N GLU A 93 -31.26 -0.71 -23.63
CA GLU A 93 -32.23 -0.64 -24.70
C GLU A 93 -32.23 -1.99 -25.41
N ASP A 94 -33.40 -2.62 -25.42
CA ASP A 94 -33.58 -3.92 -26.05
C ASP A 94 -32.97 -3.96 -27.45
N ASN A 95 -32.90 -2.80 -28.09
CA ASN A 95 -32.37 -2.67 -29.44
C ASN A 95 -30.88 -2.28 -29.49
N ALA A 96 -30.40 -1.65 -28.42
CA ALA A 96 -29.01 -1.22 -28.35
C ALA A 96 -28.10 -2.29 -27.76
N ASP A 97 -26.93 -2.47 -28.37
CA ASP A 97 -25.97 -3.46 -27.90
C ASP A 97 -25.00 -2.74 -26.96
N THR A 98 -25.56 -1.92 -26.07
CA THR A 98 -24.78 -1.17 -25.10
C THR A 98 -25.57 -0.98 -23.82
N LEU A 99 -24.88 -1.08 -22.67
CA LEU A 99 -25.50 -0.88 -21.37
C LEU A 99 -25.05 0.48 -20.82
N ALA A 100 -25.93 1.15 -20.10
CA ALA A 100 -25.59 2.46 -19.57
C ALA A 100 -25.51 2.50 -18.06
N LEU A 101 -24.40 3.03 -17.55
CA LEU A 101 -24.22 3.16 -16.11
C LEU A 101 -24.17 4.65 -15.78
N VAL A 102 -25.17 5.10 -15.03
CA VAL A 102 -25.26 6.49 -14.61
C VAL A 102 -25.10 6.56 -13.10
N PHE A 103 -24.15 7.35 -12.66
CA PHE A 103 -23.91 7.50 -11.24
C PHE A 103 -24.29 8.90 -10.81
N GLU A 104 -25.10 8.98 -9.77
CA GLU A 104 -25.52 10.28 -9.26
C GLU A 104 -24.91 10.44 -7.90
N ALA A 105 -24.16 11.52 -7.72
CA ALA A 105 -23.54 11.80 -6.45
C ALA A 105 -24.64 12.28 -5.51
N PRO A 106 -24.61 11.87 -4.23
CA PRO A 106 -25.64 12.31 -3.29
C PRO A 106 -26.03 13.79 -3.46
N ASN A 107 -25.07 14.70 -3.25
CA ASN A 107 -25.30 16.14 -3.39
C ASN A 107 -26.09 16.44 -4.67
N GLN A 108 -25.70 15.76 -5.74
CA GLN A 108 -26.38 15.89 -7.04
C GLN A 108 -25.94 17.02 -7.94
N GLU A 109 -24.75 17.54 -7.72
CA GLU A 109 -24.21 18.61 -8.54
C GLU A 109 -23.31 17.93 -9.59
N LYS A 110 -23.25 16.61 -9.50
CA LYS A 110 -22.42 15.83 -10.41
C LYS A 110 -23.09 14.52 -10.84
N VAL A 111 -23.02 14.23 -12.13
CA VAL A 111 -23.61 13.02 -12.67
C VAL A 111 -22.66 12.41 -13.67
N SER A 112 -22.37 11.15 -13.49
CA SER A 112 -21.48 10.49 -14.40
C SER A 112 -22.33 9.56 -15.24
N ASP A 113 -22.02 9.47 -16.52
CA ASP A 113 -22.78 8.60 -17.39
C ASP A 113 -21.81 7.81 -18.22
N TYR A 114 -21.90 6.49 -18.13
CA TYR A 114 -21.03 5.61 -18.88
C TYR A 114 -21.82 4.62 -19.72
N GLU A 115 -21.47 4.56 -20.99
CA GLU A 115 -22.11 3.69 -21.94
C GLU A 115 -21.09 2.61 -22.21
N MET A 116 -21.38 1.40 -21.76
CA MET A 116 -20.48 0.27 -21.96
C MET A 116 -20.93 -0.62 -23.11
N LYS A 117 -20.00 -0.94 -24.00
CA LYS A 117 -20.27 -1.80 -25.16
C LYS A 117 -20.49 -3.24 -24.75
N LEU A 118 -21.61 -3.80 -25.18
CA LEU A 118 -21.92 -5.19 -24.87
C LEU A 118 -21.27 -6.06 -25.94
N MET A 119 -21.43 -7.38 -25.81
CA MET A 119 -20.88 -8.30 -26.79
C MET A 119 -21.68 -9.59 -26.89
N ASP A 120 -21.58 -10.25 -28.04
CA ASP A 120 -22.30 -11.50 -28.25
C ASP A 120 -21.47 -12.63 -27.67
N LEU A 121 -22.01 -13.25 -26.63
CA LEU A 121 -21.33 -14.37 -25.98
C LEU A 121 -22.18 -15.61 -26.14
N ASP A 122 -21.56 -16.70 -26.56
CA ASP A 122 -22.28 -17.96 -26.73
C ASP A 122 -21.89 -18.84 -25.55
N VAL A 123 -21.78 -18.22 -24.39
CA VAL A 123 -21.41 -18.89 -23.14
C VAL A 123 -22.01 -20.29 -23.00
N GLU A 124 -21.21 -21.20 -22.41
CA GLU A 124 -21.64 -22.58 -22.21
C GLU A 124 -22.48 -22.64 -20.94
N GLN A 125 -23.79 -22.83 -21.10
CA GLN A 125 -24.69 -22.90 -19.96
C GLN A 125 -24.68 -24.24 -19.24
N LEU A 126 -24.77 -24.16 -17.91
CA LEU A 126 -24.78 -25.32 -17.05
C LEU A 126 -26.02 -25.32 -16.16
N GLY A 127 -26.41 -26.50 -15.70
CA GLY A 127 -27.57 -26.61 -14.83
C GLY A 127 -27.20 -27.26 -13.51
N ILE A 128 -27.42 -26.55 -12.40
CA ILE A 128 -27.10 -27.08 -11.08
C ILE A 128 -28.17 -28.06 -10.64
N PRO A 129 -27.77 -29.26 -10.22
CA PRO A 129 -28.68 -30.32 -9.77
C PRO A 129 -29.09 -30.03 -8.33
N GLU A 130 -30.32 -29.54 -8.14
CA GLU A 130 -30.78 -29.25 -6.80
C GLU A 130 -30.54 -30.48 -5.91
N GLN A 131 -29.71 -30.32 -4.88
CA GLN A 131 -29.43 -31.44 -3.98
C GLN A 131 -29.40 -31.08 -2.50
N GLU A 132 -29.19 -32.09 -1.65
CA GLU A 132 -29.14 -31.90 -0.21
C GLU A 132 -27.69 -31.96 0.30
N TYR A 133 -27.42 -31.30 1.40
CA TYR A 133 -26.05 -31.29 1.95
C TYR A 133 -25.88 -31.86 3.37
N SER A 134 -24.89 -32.73 3.53
CA SER A 134 -24.58 -33.37 4.80
C SER A 134 -24.19 -32.33 5.85
N CYS A 135 -23.42 -31.32 5.44
CA CYS A 135 -22.97 -30.28 6.35
C CYS A 135 -23.09 -28.85 5.85
N VAL A 136 -23.56 -27.98 6.74
CA VAL A 136 -23.71 -26.58 6.41
C VAL A 136 -23.07 -25.83 7.57
N VAL A 137 -22.05 -25.03 7.24
CA VAL A 137 -21.33 -24.26 8.23
C VAL A 137 -21.51 -22.76 8.02
N LYS A 138 -22.03 -22.07 9.04
CA LYS A 138 -22.21 -20.63 8.96
C LYS A 138 -21.13 -20.02 9.84
N MET A 139 -20.47 -18.99 9.34
CA MET A 139 -19.41 -18.36 10.13
C MET A 139 -19.06 -16.98 9.59
N PRO A 140 -18.38 -16.16 10.40
CA PRO A 140 -18.02 -14.84 9.92
C PRO A 140 -17.25 -14.97 8.60
N SER A 141 -17.52 -14.10 7.65
CA SER A 141 -16.87 -14.16 6.36
C SER A 141 -15.39 -13.82 6.54
N GLY A 142 -15.10 -12.92 7.46
CA GLY A 142 -13.72 -12.53 7.70
C GLY A 142 -12.88 -13.67 8.26
N GLU A 143 -13.49 -14.46 9.13
CA GLU A 143 -12.80 -15.60 9.71
C GLU A 143 -12.50 -16.57 8.57
N PHE A 144 -13.51 -16.88 7.76
CA PHE A 144 -13.33 -17.80 6.64
C PHE A 144 -12.23 -17.31 5.71
N ALA A 145 -12.29 -16.03 5.37
CA ALA A 145 -11.30 -15.40 4.51
C ALA A 145 -9.90 -15.59 5.08
N ARG A 146 -9.74 -15.28 6.37
CA ARG A 146 -8.43 -15.44 7.03
C ARG A 146 -7.94 -16.88 6.97
N ILE A 147 -8.82 -17.83 7.29
CA ILE A 147 -8.47 -19.24 7.25
C ILE A 147 -7.86 -19.60 5.90
N CYS A 148 -8.54 -19.18 4.83
CA CYS A 148 -8.08 -19.46 3.47
C CYS A 148 -6.78 -18.77 3.15
N ARG A 149 -6.54 -17.62 3.75
CA ARG A 149 -5.31 -16.93 3.46
C ARG A 149 -4.20 -17.64 4.20
N ASP A 150 -4.46 -17.98 5.47
CA ASP A 150 -3.47 -18.66 6.29
C ASP A 150 -2.95 -19.94 5.67
N LEU A 151 -3.83 -20.91 5.47
CA LEU A 151 -3.44 -22.17 4.88
C LEU A 151 -2.71 -22.00 3.55
N SER A 152 -3.10 -20.99 2.78
CA SER A 152 -2.46 -20.74 1.50
C SER A 152 -0.95 -20.61 1.62
N HIS A 153 -0.46 -20.36 2.82
CA HIS A 153 0.98 -20.24 3.05
C HIS A 153 1.60 -21.60 3.34
N ILE A 154 0.76 -22.55 3.71
CA ILE A 154 1.21 -23.89 4.03
C ILE A 154 1.22 -24.78 2.78
N GLY A 155 0.12 -24.77 2.04
CA GLY A 155 0.02 -25.59 0.83
C GLY A 155 -0.98 -25.08 -0.20
N ASP A 156 -1.16 -25.84 -1.28
CA ASP A 156 -2.09 -25.43 -2.34
C ASP A 156 -3.53 -25.85 -2.12
N ALA A 157 -3.74 -26.98 -1.46
CA ALA A 157 -5.08 -27.46 -1.21
C ALA A 157 -5.46 -27.52 0.27
N VAL A 158 -6.76 -27.48 0.54
CA VAL A 158 -7.25 -27.56 1.90
C VAL A 158 -8.25 -28.71 2.04
N VAL A 159 -8.05 -29.52 3.08
CA VAL A 159 -8.94 -30.62 3.35
C VAL A 159 -9.92 -30.12 4.41
N ILE A 160 -11.19 -30.07 4.07
CA ILE A 160 -12.21 -29.60 4.99
C ILE A 160 -12.86 -30.83 5.59
N SER A 161 -12.61 -31.07 6.87
CA SER A 161 -13.22 -32.21 7.55
C SER A 161 -14.29 -31.72 8.49
N CYS A 162 -15.52 -32.17 8.26
CA CYS A 162 -16.63 -31.75 9.09
C CYS A 162 -17.13 -32.95 9.88
N ALA A 163 -17.14 -32.83 11.20
CA ALA A 163 -17.59 -33.90 12.08
C ALA A 163 -18.78 -33.41 12.89
N LYS A 164 -19.08 -34.11 13.99
CA LYS A 164 -20.19 -33.74 14.83
C LYS A 164 -19.96 -32.42 15.57
N ASP A 165 -18.92 -32.40 16.40
CA ASP A 165 -18.55 -31.24 17.19
C ASP A 165 -18.25 -29.99 16.36
N GLY A 166 -17.24 -30.08 15.49
CA GLY A 166 -16.88 -28.94 14.68
C GLY A 166 -16.35 -29.25 13.30
N VAL A 167 -15.74 -28.25 12.66
CA VAL A 167 -15.20 -28.41 11.32
C VAL A 167 -13.69 -28.17 11.34
N LYS A 168 -12.95 -28.85 10.48
CA LYS A 168 -11.51 -28.65 10.42
C LYS A 168 -10.91 -28.45 9.01
N PHE A 169 -10.04 -27.44 8.87
CA PHE A 169 -9.38 -27.18 7.58
C PHE A 169 -7.91 -27.49 7.79
N SER A 170 -7.27 -28.12 6.80
CA SER A 170 -5.87 -28.43 6.94
C SER A 170 -5.12 -28.54 5.62
N ALA A 171 -3.81 -28.33 5.68
CA ALA A 171 -2.96 -28.39 4.51
C ALA A 171 -1.52 -28.77 4.86
N SER A 172 -0.74 -29.06 3.83
CA SER A 172 0.65 -29.44 4.03
C SER A 172 1.50 -29.07 2.83
N GLY A 173 2.79 -28.88 3.06
CA GLY A 173 3.71 -28.53 1.97
C GLY A 173 5.16 -28.67 2.39
N GLU A 174 6.04 -27.96 1.68
CA GLU A 174 7.48 -27.97 1.96
C GLU A 174 7.76 -27.63 3.42
N LEU A 175 7.18 -26.52 3.87
CA LEU A 175 7.39 -26.07 5.23
C LEU A 175 6.47 -26.68 6.27
N GLY A 176 6.27 -27.98 6.19
CA GLY A 176 5.41 -28.64 7.15
C GLY A 176 3.93 -28.55 6.82
N ASN A 177 3.10 -28.62 7.85
CA ASN A 177 1.66 -28.56 7.66
C ASN A 177 0.97 -28.01 8.87
N GLY A 178 -0.30 -27.63 8.71
CA GLY A 178 -1.06 -27.08 9.80
C GLY A 178 -2.55 -27.25 9.57
N ASN A 179 -3.35 -26.92 10.59
CA ASN A 179 -4.79 -27.03 10.49
C ASN A 179 -5.50 -26.14 11.51
N ILE A 180 -6.68 -25.66 11.14
CA ILE A 180 -7.47 -24.79 11.99
C ILE A 180 -8.76 -25.50 12.38
N LYS A 181 -9.15 -25.37 13.64
CA LYS A 181 -10.36 -26.03 14.10
C LYS A 181 -11.38 -25.05 14.61
N LEU A 182 -12.60 -25.17 14.07
CA LEU A 182 -13.71 -24.32 14.48
C LEU A 182 -14.75 -25.22 15.14
N SER A 183 -15.31 -24.74 16.23
CA SER A 183 -16.32 -25.50 16.98
C SER A 183 -17.54 -24.63 17.19
N GLN A 184 -18.71 -25.26 17.28
CA GLN A 184 -19.94 -24.51 17.48
C GLN A 184 -19.91 -23.70 18.77
N THR A 185 -20.62 -22.58 18.75
CA THR A 185 -20.71 -21.70 19.90
C THR A 185 -22.01 -21.97 20.65
N SER A 186 -22.33 -21.11 21.61
CA SER A 186 -23.57 -21.27 22.38
C SER A 186 -23.97 -19.97 23.06
N GLU A 191 -23.99 -13.09 16.81
CA GLU A 191 -24.81 -13.03 15.61
C GLU A 191 -23.95 -13.31 14.36
N GLU A 192 -22.99 -12.43 14.12
CA GLU A 192 -22.07 -12.56 12.98
C GLU A 192 -20.69 -12.91 13.51
N GLU A 193 -20.64 -13.40 14.74
CA GLU A 193 -19.37 -13.76 15.36
C GLU A 193 -19.34 -15.23 15.72
N ALA A 194 -20.52 -15.84 15.70
CA ALA A 194 -20.65 -17.25 16.06
C ALA A 194 -20.53 -18.19 14.87
N VAL A 195 -20.32 -19.46 15.18
CA VAL A 195 -20.17 -20.52 14.19
C VAL A 195 -21.22 -21.60 14.43
N THR A 196 -22.10 -21.82 13.46
CA THR A 196 -23.10 -22.85 13.62
C THR A 196 -22.79 -23.96 12.62
N ILE A 197 -23.06 -25.19 13.02
CA ILE A 197 -22.78 -26.34 12.17
C ILE A 197 -23.96 -27.30 12.13
N GLU A 198 -24.25 -27.82 10.94
CA GLU A 198 -25.35 -28.77 10.77
C GLU A 198 -24.80 -30.03 10.10
N MET A 199 -24.40 -31.01 10.92
CA MET A 199 -23.82 -32.24 10.42
C MET A 199 -24.77 -33.44 10.48
N ASN A 200 -25.17 -33.93 9.32
CA ASN A 200 -26.07 -35.08 9.23
C ASN A 200 -25.16 -36.27 9.01
N GLU A 201 -24.04 -36.02 8.33
CA GLU A 201 -23.04 -37.04 8.03
C GLU A 201 -21.64 -36.44 7.98
N PRO A 202 -20.71 -37.05 8.71
CA PRO A 202 -19.35 -36.49 8.67
C PRO A 202 -18.89 -36.46 7.22
N VAL A 203 -18.19 -35.40 6.84
CA VAL A 203 -17.69 -35.26 5.47
C VAL A 203 -16.23 -34.83 5.42
N GLN A 204 -15.57 -35.17 4.33
CA GLN A 204 -14.19 -34.82 4.14
C GLN A 204 -14.01 -34.59 2.65
N LEU A 205 -13.51 -33.42 2.29
CA LEU A 205 -13.30 -33.09 0.89
C LEU A 205 -12.07 -32.20 0.74
N THR A 206 -11.42 -32.32 -0.43
CA THR A 206 -10.22 -31.58 -0.77
C THR A 206 -10.50 -30.51 -1.82
N PHE A 207 -10.10 -29.26 -1.53
CA PHE A 207 -10.33 -28.14 -2.45
C PHE A 207 -9.05 -27.37 -2.66
N ALA A 208 -8.99 -26.60 -3.75
CA ALA A 208 -7.83 -25.77 -4.06
C ALA A 208 -7.99 -24.40 -3.40
N LEU A 209 -7.07 -24.04 -2.53
CA LEU A 209 -7.12 -22.77 -1.83
C LEU A 209 -7.12 -21.59 -2.82
N ARG A 210 -6.50 -21.80 -3.98
CA ARG A 210 -6.45 -20.77 -4.99
C ARG A 210 -7.83 -20.26 -5.33
N TYR A 211 -8.78 -21.18 -5.49
CA TYR A 211 -10.13 -20.76 -5.85
C TYR A 211 -10.90 -20.25 -4.66
N LEU A 212 -10.72 -20.90 -3.51
CA LEU A 212 -11.41 -20.45 -2.31
C LEU A 212 -11.02 -18.99 -2.11
N ASN A 213 -9.75 -18.68 -2.33
CA ASN A 213 -9.29 -17.31 -2.18
C ASN A 213 -9.99 -16.36 -3.14
N PHE A 214 -10.45 -16.85 -4.29
CA PHE A 214 -11.15 -15.98 -5.25
C PHE A 214 -12.52 -15.74 -4.68
N PHE A 215 -13.13 -16.79 -4.16
CA PHE A 215 -14.45 -16.66 -3.60
C PHE A 215 -14.51 -15.60 -2.50
N THR A 216 -13.45 -15.52 -1.70
CA THR A 216 -13.38 -14.58 -0.60
C THR A 216 -13.35 -13.10 -0.96
N LYS A 217 -13.20 -12.78 -2.25
CA LYS A 217 -13.20 -11.39 -2.66
C LYS A 217 -14.62 -10.86 -2.45
N ALA A 218 -15.53 -11.75 -2.07
CA ALA A 218 -16.91 -11.35 -1.86
C ALA A 218 -17.14 -11.00 -0.40
N THR A 219 -16.13 -11.20 0.42
CA THR A 219 -16.24 -10.92 1.85
C THR A 219 -16.91 -9.57 2.19
N PRO A 220 -16.54 -8.50 1.49
CA PRO A 220 -17.18 -7.22 1.83
C PRO A 220 -18.69 -7.14 1.51
N LEU A 221 -19.26 -8.24 1.07
CA LEU A 221 -20.68 -8.27 0.73
C LEU A 221 -21.55 -8.77 1.88
N SER A 222 -20.94 -9.49 2.82
CA SER A 222 -21.69 -10.02 3.95
C SER A 222 -20.85 -10.27 5.17
N SER A 223 -21.47 -10.13 6.33
CA SER A 223 -20.80 -10.34 7.61
C SER A 223 -20.50 -11.81 7.78
N THR A 224 -21.39 -12.64 7.21
CA THR A 224 -21.26 -14.06 7.31
C THR A 224 -21.30 -14.78 5.97
N VAL A 225 -20.84 -16.03 5.99
CA VAL A 225 -20.81 -16.87 4.80
C VAL A 225 -21.15 -18.29 5.28
N THR A 226 -21.88 -19.04 4.46
CA THR A 226 -22.23 -20.43 4.81
C THR A 226 -21.53 -21.39 3.83
N LEU A 227 -21.01 -22.49 4.35
CA LEU A 227 -20.35 -23.49 3.50
C LEU A 227 -21.21 -24.75 3.52
N SER A 228 -21.51 -25.27 2.33
CA SER A 228 -22.35 -26.47 2.21
C SER A 228 -21.61 -27.57 1.47
N MET A 229 -21.29 -28.65 2.18
CA MET A 229 -20.57 -29.76 1.58
C MET A 229 -21.39 -31.05 1.61
N SER A 230 -20.87 -32.05 0.92
CA SER A 230 -21.50 -33.35 0.85
C SER A 230 -20.52 -34.26 0.12
N ALA A 231 -20.54 -35.54 0.44
CA ALA A 231 -19.62 -36.48 -0.19
C ALA A 231 -19.66 -36.45 -1.72
N ASP A 232 -18.46 -36.32 -2.31
CA ASP A 232 -18.30 -36.31 -3.75
C ASP A 232 -19.21 -35.36 -4.55
N VAL A 233 -19.25 -34.08 -4.17
CA VAL A 233 -20.04 -33.09 -4.90
C VAL A 233 -19.37 -31.74 -4.69
N PRO A 234 -19.72 -30.76 -5.54
CA PRO A 234 -19.15 -29.41 -5.42
C PRO A 234 -19.49 -28.71 -4.10
N LEU A 235 -18.49 -28.10 -3.50
CA LEU A 235 -18.69 -27.36 -2.27
C LEU A 235 -19.44 -26.08 -2.65
N VAL A 236 -20.35 -25.64 -1.80
CA VAL A 236 -21.08 -24.42 -2.08
C VAL A 236 -20.62 -23.37 -1.08
N VAL A 237 -20.21 -22.21 -1.60
CA VAL A 237 -19.78 -21.08 -0.78
C VAL A 237 -20.74 -19.97 -1.11
N GLU A 238 -21.54 -19.56 -0.12
CA GLU A 238 -22.54 -18.52 -0.36
C GLU A 238 -22.52 -17.29 0.53
N TYR A 239 -22.62 -16.14 -0.12
CA TYR A 239 -22.64 -14.86 0.55
C TYR A 239 -23.98 -14.19 0.27
N LYS A 240 -24.71 -13.84 1.33
CA LYS A 240 -26.00 -13.16 1.13
C LYS A 240 -25.83 -11.67 0.86
N ILE A 241 -26.64 -11.13 -0.03
CA ILE A 241 -26.58 -9.71 -0.33
C ILE A 241 -27.89 -9.07 0.17
N ALA A 242 -27.98 -8.92 1.49
CA ALA A 242 -29.13 -8.35 2.18
C ALA A 242 -30.24 -7.74 1.34
N ASP A 243 -31.40 -8.40 1.34
CA ASP A 243 -32.57 -7.91 0.62
C ASP A 243 -32.42 -7.80 -0.89
N MET A 244 -31.21 -7.99 -1.40
CA MET A 244 -30.99 -7.92 -2.84
C MET A 244 -31.07 -9.33 -3.44
N GLY A 245 -30.36 -10.26 -2.82
CA GLY A 245 -30.31 -11.63 -3.28
C GLY A 245 -29.06 -12.25 -2.72
N HIS A 246 -28.23 -12.86 -3.56
CA HIS A 246 -27.00 -13.46 -3.06
C HIS A 246 -25.96 -13.71 -4.13
N LEU A 247 -24.87 -14.35 -3.71
CA LEU A 247 -23.76 -14.68 -4.59
C LEU A 247 -23.26 -16.06 -4.15
N LYS A 248 -23.41 -17.07 -5.03
CA LYS A 248 -23.01 -18.44 -4.73
C LYS A 248 -21.85 -18.94 -5.58
N TYR A 249 -20.89 -19.57 -4.92
CA TYR A 249 -19.71 -20.09 -5.62
C TYR A 249 -19.64 -21.60 -5.45
N TYR A 250 -19.66 -22.33 -6.56
CA TYR A 250 -19.57 -23.78 -6.50
C TYR A 250 -18.19 -24.19 -6.95
N LEU A 251 -17.48 -24.93 -6.10
CA LEU A 251 -16.14 -25.39 -6.44
C LEU A 251 -16.13 -26.93 -6.52
N ALA A 252 -15.64 -27.47 -7.63
CA ALA A 252 -15.57 -28.91 -7.76
C ALA A 252 -14.38 -29.35 -6.91
N PRO A 253 -14.54 -30.46 -6.19
CA PRO A 253 -13.47 -30.96 -5.33
C PRO A 253 -12.35 -31.60 -6.13
N LYS A 254 -11.29 -31.99 -5.43
CA LYS A 254 -10.19 -32.70 -6.07
C LYS A 254 -10.43 -34.16 -5.71
N ILE A 255 -10.27 -35.02 -6.71
CA ILE A 255 -10.49 -36.45 -6.57
C ILE A 255 -9.17 -37.19 -6.53
N GLU A 256 -9.15 -38.40 -5.97
CA GLU A 256 -7.94 -39.22 -5.90
C GLU A 256 -7.88 -40.15 -7.14
N ASP A 257 -6.70 -40.37 -7.71
CA ASP A 257 -6.58 -41.23 -8.91
C ASP A 257 -6.08 -42.66 -8.65
N ALA B 2 -8.18 -36.50 -3.27
CA ALA B 2 -7.16 -35.45 -2.96
C ALA B 2 -5.89 -35.72 -3.77
N ASN B 3 -5.96 -35.46 -5.07
CA ASN B 3 -4.83 -35.70 -5.92
C ASN B 3 -5.00 -34.95 -7.24
N ARG B 4 -6.18 -35.05 -7.83
CA ARG B 4 -6.42 -34.38 -9.10
C ARG B 4 -7.63 -33.48 -9.12
N GLN B 5 -7.45 -32.27 -9.61
CA GLN B 5 -8.55 -31.33 -9.69
C GLN B 5 -9.54 -31.76 -10.74
N VAL B 6 -10.81 -31.74 -10.38
CA VAL B 6 -11.88 -32.11 -11.29
C VAL B 6 -12.62 -30.86 -11.72
N SER B 7 -13.17 -30.87 -12.94
CA SER B 7 -13.92 -29.72 -13.44
C SER B 7 -15.41 -29.85 -13.09
N ILE B 8 -16.08 -28.73 -12.82
CA ILE B 8 -17.50 -28.75 -12.46
C ILE B 8 -18.37 -29.43 -13.50
N THR B 9 -17.87 -29.53 -14.73
CA THR B 9 -18.62 -30.16 -15.80
C THR B 9 -18.95 -31.59 -15.46
N GLY B 10 -18.01 -32.25 -14.81
CA GLY B 10 -18.21 -33.64 -14.44
C GLY B 10 -19.22 -33.85 -13.33
N PHE B 11 -19.67 -32.77 -12.69
CA PHE B 11 -20.64 -32.92 -11.63
C PHE B 11 -22.01 -32.57 -12.12
N PHE B 12 -22.03 -31.72 -13.14
CA PHE B 12 -23.27 -31.34 -13.79
C PHE B 12 -23.01 -30.58 -15.09
N GLN B 13 -23.84 -30.90 -16.09
CA GLN B 13 -23.75 -30.34 -17.44
C GLN B 13 -24.92 -29.41 -17.81
N MET C 1 23.65 36.38 -0.93
CA MET C 1 23.42 35.25 0.00
C MET C 1 21.92 35.10 0.29
N PHE C 2 21.35 34.00 -0.18
CA PHE C 2 19.92 33.74 0.01
C PHE C 2 19.64 32.95 1.29
N GLU C 3 18.51 33.28 1.92
CA GLU C 3 18.12 32.60 3.14
C GLU C 3 16.65 32.80 3.43
N ALA C 4 15.88 31.71 3.36
CA ALA C 4 14.45 31.74 3.60
C ALA C 4 14.05 30.68 4.62
N ARG C 5 13.19 31.08 5.55
CA ARG C 5 12.71 30.20 6.61
C ARG C 5 11.22 29.97 6.41
N LEU C 6 10.85 28.71 6.19
CA LEU C 6 9.45 28.34 5.98
C LEU C 6 8.97 27.41 7.10
N VAL C 7 8.13 27.91 8.00
CA VAL C 7 7.64 27.10 9.12
C VAL C 7 6.78 25.92 8.71
N GLN C 8 5.84 26.12 7.78
CA GLN C 8 5.00 25.02 7.32
C GLN C 8 5.72 24.29 6.17
N GLY C 9 6.95 23.85 6.45
CA GLY C 9 7.75 23.14 5.47
C GLY C 9 7.05 22.09 4.64
N SER C 10 5.94 21.54 5.14
CA SER C 10 5.20 20.53 4.39
C SER C 10 4.80 21.12 3.03
N ILE C 11 4.71 22.45 2.98
CA ILE C 11 4.37 23.14 1.74
C ILE C 11 5.43 22.86 0.70
N LEU C 12 6.69 22.96 1.10
CA LEU C 12 7.77 22.73 0.16
C LEU C 12 7.74 21.29 -0.31
N LYS C 13 7.43 20.38 0.62
CA LYS C 13 7.36 18.96 0.30
C LYS C 13 6.29 18.72 -0.75
N LYS C 14 5.11 19.26 -0.50
CA LYS C 14 4.00 19.13 -1.41
C LYS C 14 4.34 19.70 -2.78
N VAL C 15 5.05 20.82 -2.81
CA VAL C 15 5.41 21.44 -4.09
C VAL C 15 6.27 20.51 -4.95
N LEU C 16 7.32 19.94 -4.37
CA LEU C 16 8.18 19.07 -5.13
C LEU C 16 7.51 17.79 -5.55
N GLU C 17 6.54 17.33 -4.75
CA GLU C 17 5.82 16.13 -5.11
C GLU C 17 4.91 16.44 -6.28
N ALA C 18 4.74 17.73 -6.56
CA ALA C 18 3.87 18.17 -7.64
C ALA C 18 4.64 18.54 -8.90
N LEU C 19 5.96 18.61 -8.82
CA LEU C 19 6.75 18.98 -9.97
C LEU C 19 7.65 17.86 -10.44
N LYS C 20 8.17 17.10 -9.47
CA LYS C 20 9.12 16.02 -9.74
C LYS C 20 8.77 15.08 -10.89
N ASP C 21 7.51 14.66 -10.97
CA ASP C 21 7.10 13.75 -12.01
C ASP C 21 6.85 14.38 -13.36
N LEU C 22 6.76 15.70 -13.37
CA LEU C 22 6.53 16.40 -14.60
C LEU C 22 7.83 17.02 -15.10
N ILE C 23 8.65 17.49 -14.17
CA ILE C 23 9.92 18.12 -14.50
C ILE C 23 11.13 17.44 -13.89
N ASN C 24 12.16 17.24 -14.70
CA ASN C 24 13.39 16.60 -14.24
C ASN C 24 14.35 17.64 -13.67
N GLU C 25 14.68 18.63 -14.51
CA GLU C 25 15.60 19.70 -14.15
C GLU C 25 14.94 21.06 -14.38
N ALA C 26 14.89 21.87 -13.32
CA ALA C 26 14.28 23.18 -13.44
C ALA C 26 15.22 24.24 -12.89
N CYS C 27 14.82 25.49 -13.07
CA CYS C 27 15.60 26.63 -12.60
C CYS C 27 14.76 27.41 -11.59
N TRP C 28 15.32 27.68 -10.41
CA TRP C 28 14.62 28.42 -9.36
C TRP C 28 15.10 29.86 -9.27
N ASP C 29 14.28 30.79 -9.73
CA ASP C 29 14.64 32.21 -9.69
C ASP C 29 14.34 32.77 -8.32
N ILE C 30 15.39 33.23 -7.63
CA ILE C 30 15.22 33.81 -6.32
C ILE C 30 15.46 35.32 -6.43
N SER C 31 14.76 36.10 -5.62
CA SER C 31 14.92 37.55 -5.61
C SER C 31 14.19 38.07 -4.38
N SER C 32 14.20 39.39 -4.17
CA SER C 32 13.56 39.98 -3.00
C SER C 32 12.04 39.81 -3.05
N SER C 33 11.51 39.51 -4.22
CA SER C 33 10.08 39.31 -4.37
C SER C 33 9.68 37.95 -3.82
N GLY C 34 10.53 36.96 -4.06
CA GLY C 34 10.26 35.61 -3.60
C GLY C 34 10.79 34.60 -4.61
N VAL C 35 10.57 33.32 -4.34
CA VAL C 35 11.05 32.28 -5.26
C VAL C 35 10.04 32.12 -6.39
N ASN C 36 10.54 31.77 -7.56
CA ASN C 36 9.68 31.58 -8.71
C ASN C 36 10.30 30.54 -9.61
N LEU C 37 9.45 29.82 -10.34
CA LEU C 37 9.94 28.78 -11.24
C LEU C 37 8.97 28.63 -12.40
N GLN C 38 9.52 28.57 -13.61
CA GLN C 38 8.71 28.42 -14.80
C GLN C 38 9.46 27.44 -15.70
N SER C 39 8.80 26.38 -16.13
CA SER C 39 9.46 25.40 -16.97
C SER C 39 8.49 24.54 -17.79
N MET C 40 8.88 24.24 -19.02
CA MET C 40 8.05 23.39 -19.86
C MET C 40 8.25 22.03 -19.25
N ASP C 41 7.39 21.08 -19.55
CA ASP C 41 7.57 19.75 -19.01
C ASP C 41 8.50 19.07 -20.01
N SER C 42 8.85 17.81 -19.72
CA SER C 42 9.72 17.03 -20.59
C SER C 42 9.12 17.03 -21.99
N SER C 43 7.90 16.51 -22.06
CA SER C 43 7.14 16.40 -23.30
C SER C 43 6.95 17.69 -24.08
N HIS C 44 7.20 18.83 -23.44
CA HIS C 44 7.01 20.11 -24.10
C HIS C 44 5.58 20.27 -24.55
N VAL C 45 4.65 19.81 -23.71
CA VAL C 45 3.23 19.89 -23.96
C VAL C 45 2.59 20.84 -22.93
N SER C 46 3.35 21.14 -21.86
CA SER C 46 2.84 22.00 -20.81
C SER C 46 3.91 22.88 -20.17
N LEU C 47 3.45 23.83 -19.35
CA LEU C 47 4.32 24.78 -18.68
C LEU C 47 3.89 24.95 -17.22
N VAL C 48 4.84 24.81 -16.30
CA VAL C 48 4.54 24.97 -14.88
C VAL C 48 5.06 26.31 -14.39
N GLN C 49 4.23 27.00 -13.61
CA GLN C 49 4.60 28.30 -13.09
C GLN C 49 4.39 28.28 -11.59
N LEU C 50 5.50 28.31 -10.84
CA LEU C 50 5.46 28.30 -9.38
C LEU C 50 5.76 29.70 -8.85
N THR C 51 5.00 30.11 -7.83
CA THR C 51 5.17 31.44 -7.25
C THR C 51 5.13 31.41 -5.73
N LEU C 52 6.29 31.61 -5.11
CA LEU C 52 6.41 31.63 -3.67
C LEU C 52 6.87 33.02 -3.21
N ARG C 53 5.89 33.85 -2.84
CA ARG C 53 6.16 35.23 -2.40
C ARG C 53 6.89 35.25 -1.07
N SER C 54 7.84 36.17 -0.94
CA SER C 54 8.62 36.31 0.28
C SER C 54 7.73 36.57 1.51
N GLU C 55 6.58 37.20 1.29
CA GLU C 55 5.66 37.48 2.37
C GLU C 55 5.25 36.20 3.08
N GLY C 56 4.97 35.16 2.31
CA GLY C 56 4.57 33.88 2.85
C GLY C 56 5.61 33.24 3.76
N PHE C 57 6.88 33.50 3.47
CA PHE C 57 7.94 32.96 4.30
C PHE C 57 8.00 33.70 5.62
N ASP C 58 8.35 32.98 6.68
CA ASP C 58 8.43 33.54 8.04
C ASP C 58 9.75 34.28 8.27
N THR C 59 10.58 34.33 7.24
CA THR C 59 11.89 34.98 7.30
C THR C 59 12.52 34.86 5.93
N TYR C 60 12.40 35.89 5.09
CA TYR C 60 13.00 35.82 3.77
C TYR C 60 14.22 36.71 3.76
N ARG C 61 15.06 36.58 2.74
CA ARG C 61 16.28 37.39 2.68
C ARG C 61 17.08 37.03 1.43
N CYS C 62 17.13 37.94 0.48
CA CYS C 62 17.86 37.71 -0.76
C CYS C 62 18.76 38.88 -1.14
N ASP C 63 20.06 38.73 -0.91
CA ASP C 63 21.03 39.77 -1.23
C ASP C 63 21.26 39.84 -2.73
N ARG C 64 21.68 38.72 -3.31
CA ARG C 64 21.91 38.67 -4.75
C ARG C 64 20.84 37.82 -5.43
N ASN C 65 20.35 38.30 -6.57
CA ASN C 65 19.34 37.58 -7.34
C ASN C 65 19.96 36.28 -7.81
N LEU C 66 19.30 35.17 -7.47
CA LEU C 66 19.80 33.85 -7.81
C LEU C 66 19.01 33.07 -8.86
N ALA C 67 19.73 32.22 -9.57
CA ALA C 67 19.14 31.35 -10.60
C ALA C 67 19.74 29.98 -10.32
N MET C 68 18.98 29.14 -9.62
CA MET C 68 19.44 27.81 -9.26
C MET C 68 18.95 26.66 -10.12
N GLY C 69 19.83 26.17 -10.99
CA GLY C 69 19.47 25.04 -11.82
C GLY C 69 19.36 23.85 -10.88
N VAL C 70 18.13 23.46 -10.56
CA VAL C 70 17.95 22.36 -9.64
C VAL C 70 17.40 21.09 -10.27
N ASN C 71 17.89 19.95 -9.80
CA ASN C 71 17.44 18.66 -10.26
C ASN C 71 16.29 18.37 -9.30
N LEU C 72 15.06 18.52 -9.78
CA LEU C 72 13.91 18.32 -8.94
C LEU C 72 13.79 16.92 -8.37
N THR C 73 14.47 15.95 -8.97
CA THR C 73 14.40 14.58 -8.45
C THR C 73 15.27 14.46 -7.20
N SER C 74 16.46 15.05 -7.26
CA SER C 74 17.38 15.04 -6.14
C SER C 74 16.78 15.88 -5.02
N MET C 75 16.22 17.02 -5.38
CA MET C 75 15.65 17.90 -4.38
C MET C 75 14.45 17.23 -3.75
N SER C 76 13.77 16.41 -4.54
CA SER C 76 12.59 15.71 -4.05
C SER C 76 13.02 14.68 -3.03
N LYS C 77 13.99 13.85 -3.43
CA LYS C 77 14.51 12.82 -2.54
C LYS C 77 14.94 13.47 -1.25
N ILE C 78 15.78 14.50 -1.37
CA ILE C 78 16.25 15.20 -0.19
C ILE C 78 15.10 15.68 0.68
N LEU C 79 14.10 16.31 0.07
CA LEU C 79 12.95 16.82 0.81
C LEU C 79 12.11 15.78 1.53
N LYS C 80 12.27 14.51 1.17
CA LYS C 80 11.52 13.46 1.83
C LYS C 80 12.15 13.11 3.18
N CYS C 81 13.31 13.70 3.44
CA CYS C 81 14.00 13.49 4.70
C CYS C 81 13.55 14.57 5.70
N ALA C 82 12.42 15.20 5.41
CA ALA C 82 11.88 16.23 6.27
C ALA C 82 10.54 15.77 6.81
N GLY C 83 10.30 16.02 8.09
CA GLY C 83 9.03 15.65 8.67
C GLY C 83 8.03 16.66 8.18
N ASN C 84 6.76 16.29 8.16
CA ASN C 84 5.73 17.20 7.70
C ASN C 84 5.54 18.36 8.69
N GLU C 85 6.35 18.39 9.75
CA GLU C 85 6.25 19.42 10.77
C GLU C 85 7.54 20.22 10.99
N ASP C 86 8.63 19.75 10.39
CA ASP C 86 9.92 20.43 10.55
C ASP C 86 9.86 21.80 9.94
N ILE C 87 10.75 22.66 10.40
CA ILE C 87 10.89 24.02 9.91
C ILE C 87 11.97 23.91 8.85
N ILE C 88 11.66 24.27 7.61
CA ILE C 88 12.66 24.15 6.55
C ILE C 88 13.32 25.47 6.26
N THR C 89 14.61 25.43 5.94
CA THR C 89 15.35 26.65 5.65
C THR C 89 16.19 26.56 4.39
N LEU C 90 15.82 27.30 3.36
CA LEU C 90 16.61 27.29 2.13
C LEU C 90 17.68 28.33 2.39
N ARG C 91 18.90 28.05 1.97
CA ARG C 91 20.00 28.98 2.18
C ARG C 91 21.05 28.72 1.14
N ALA C 92 21.40 29.76 0.40
CA ALA C 92 22.41 29.61 -0.64
C ALA C 92 23.46 30.69 -0.57
N GLU C 93 24.54 30.48 -1.33
CA GLU C 93 25.65 31.42 -1.41
C GLU C 93 25.83 31.80 -2.88
N ASP C 94 25.76 33.09 -3.16
CA ASP C 94 25.88 33.62 -4.52
C ASP C 94 27.11 33.06 -5.21
N ASN C 95 28.10 32.67 -4.41
CA ASN C 95 29.36 32.14 -4.91
C ASN C 95 29.42 30.61 -4.92
N ALA C 96 28.59 29.97 -4.11
CA ALA C 96 28.56 28.50 -4.05
C ALA C 96 27.55 27.89 -5.01
N ASP C 97 27.97 26.84 -5.71
CA ASP C 97 27.10 26.16 -6.66
C ASP C 97 26.39 25.01 -5.93
N THR C 98 25.90 25.34 -4.74
CA THR C 98 25.19 24.38 -3.91
C THR C 98 24.15 25.07 -3.05
N LEU C 99 22.99 24.43 -2.92
CA LEU C 99 21.91 24.98 -2.10
C LEU C 99 21.83 24.17 -0.82
N ALA C 100 21.44 24.81 0.28
CA ALA C 100 21.37 24.11 1.55
C ALA C 100 19.97 23.99 2.09
N LEU C 101 19.61 22.78 2.48
CA LEU C 101 18.31 22.51 3.08
C LEU C 101 18.50 22.08 4.55
N VAL C 102 18.04 22.93 5.48
CA VAL C 102 18.15 22.62 6.91
C VAL C 102 16.75 22.42 7.44
N PHE C 103 16.54 21.29 8.10
CA PHE C 103 15.24 21.00 8.67
C PHE C 103 15.38 20.99 10.17
N GLU C 104 14.52 21.76 10.83
CA GLU C 104 14.55 21.83 12.28
C GLU C 104 13.28 21.19 12.78
N ALA C 105 13.44 20.18 13.62
CA ALA C 105 12.31 19.48 14.19
C ALA C 105 11.71 20.40 15.24
N PRO C 106 10.36 20.43 15.35
CA PRO C 106 9.69 21.29 16.31
C PRO C 106 10.38 21.25 17.68
N ASN C 107 10.30 20.08 18.32
CA ASN C 107 10.90 19.86 19.62
C ASN C 107 12.41 20.06 19.59
N GLU C 109 15.69 19.22 19.24
CA GLU C 109 16.75 18.32 19.70
C GLU C 109 17.38 17.64 18.50
N LYS C 110 16.85 17.94 17.31
CA LYS C 110 17.33 17.33 16.08
C LYS C 110 17.32 18.32 14.91
N VAL C 111 18.43 18.36 14.17
CA VAL C 111 18.56 19.26 13.05
C VAL C 111 19.20 18.50 11.90
N SER C 112 18.54 18.54 10.75
CA SER C 112 19.07 17.88 9.58
C SER C 112 19.58 18.96 8.66
N ASP C 113 20.74 18.71 8.06
CA ASP C 113 21.31 19.69 7.15
C ASP C 113 21.69 18.97 5.88
N TYR C 114 21.17 19.44 4.75
CA TYR C 114 21.46 18.84 3.45
C TYR C 114 21.98 19.87 2.46
N GLU C 115 23.13 19.58 1.87
CA GLU C 115 23.74 20.46 0.90
C GLU C 115 23.51 19.77 -0.43
N MET C 116 22.69 20.39 -1.27
CA MET C 116 22.37 19.82 -2.57
C MET C 116 23.15 20.50 -3.70
N LYS C 117 23.80 19.69 -4.52
CA LYS C 117 24.60 20.18 -5.63
C LYS C 117 23.74 20.79 -6.71
N LEU C 118 24.08 22.02 -7.11
CA LEU C 118 23.33 22.69 -8.16
C LEU C 118 23.95 22.33 -9.50
N MET C 119 23.38 22.85 -10.58
CA MET C 119 23.90 22.57 -11.90
C MET C 119 23.60 23.68 -12.90
N ASP C 120 24.44 23.79 -13.92
CA ASP C 120 24.26 24.80 -14.95
C ASP C 120 23.25 24.29 -15.96
N LEU C 121 22.11 24.98 -16.01
CA LEU C 121 21.04 24.64 -16.92
C LEU C 121 20.81 25.81 -17.88
N ASP C 122 20.79 25.51 -19.18
CA ASP C 122 20.55 26.54 -20.18
C ASP C 122 19.11 26.38 -20.64
N VAL C 123 18.23 26.11 -19.67
CA VAL C 123 16.81 25.91 -19.92
C VAL C 123 16.23 26.87 -20.96
N GLU C 124 15.32 26.34 -21.77
CA GLU C 124 14.65 27.11 -22.82
C GLU C 124 13.51 27.91 -22.20
N GLN C 125 13.70 29.22 -22.09
CA GLN C 125 12.68 30.07 -21.51
C GLN C 125 11.52 30.40 -22.44
N LEU C 126 10.32 30.43 -21.87
CA LEU C 126 9.10 30.75 -22.60
C LEU C 126 8.40 31.93 -21.95
N GLY C 127 7.59 32.66 -22.73
CA GLY C 127 6.88 33.80 -22.19
C GLY C 127 5.38 33.62 -22.40
N ILE C 128 4.62 33.59 -21.31
CA ILE C 128 3.17 33.42 -21.42
C ILE C 128 2.50 34.72 -21.86
N PRO C 129 1.65 34.63 -22.91
CA PRO C 129 0.94 35.80 -23.44
C PRO C 129 -0.26 36.10 -22.55
N GLU C 130 -0.15 37.14 -21.73
CA GLU C 130 -1.27 37.48 -20.85
C GLU C 130 -2.54 37.58 -21.68
N GLN C 131 -3.53 36.73 -21.36
CA GLN C 131 -4.78 36.73 -22.11
C GLN C 131 -6.03 36.57 -21.26
N GLU C 132 -7.19 36.66 -21.92
CA GLU C 132 -8.49 36.54 -21.26
C GLU C 132 -9.11 35.16 -21.51
N TYR C 133 -9.95 34.71 -20.58
CA TYR C 133 -10.57 33.40 -20.73
C TYR C 133 -12.11 33.37 -20.76
N SER C 134 -12.64 32.63 -21.74
CA SER C 134 -14.08 32.48 -21.92
C SER C 134 -14.73 31.81 -20.72
N CYS C 135 -14.05 30.83 -20.13
CA CYS C 135 -14.58 30.09 -18.97
C CYS C 135 -13.59 29.84 -17.87
N VAL C 136 -14.05 30.01 -16.65
CA VAL C 136 -13.24 29.78 -15.48
C VAL C 136 -14.11 28.94 -14.54
N VAL C 137 -13.62 27.76 -14.21
CA VAL C 137 -14.35 26.86 -13.34
C VAL C 137 -13.61 26.63 -12.03
N LYS C 138 -14.25 26.96 -10.91
CA LYS C 138 -13.64 26.74 -9.60
C LYS C 138 -14.34 25.52 -9.03
N MET C 139 -13.58 24.61 -8.42
CA MET C 139 -14.19 23.40 -7.84
C MET C 139 -13.22 22.72 -6.87
N PRO C 140 -13.73 21.78 -6.07
CA PRO C 140 -12.84 21.10 -5.12
C PRO C 140 -11.73 20.43 -5.92
N SER C 141 -10.50 20.48 -5.41
CA SER C 141 -9.39 19.88 -6.12
C SER C 141 -9.55 18.37 -6.13
N GLY C 142 -10.14 17.83 -5.06
CA GLY C 142 -10.36 16.39 -4.98
C GLY C 142 -11.33 15.86 -6.02
N GLU C 143 -12.38 16.62 -6.27
CA GLU C 143 -13.37 16.24 -7.25
C GLU C 143 -12.69 16.24 -8.62
N PHE C 144 -11.93 17.29 -8.91
CA PHE C 144 -11.23 17.41 -10.18
C PHE C 144 -10.32 16.22 -10.37
N ALA C 145 -9.52 15.95 -9.34
CA ALA C 145 -8.59 14.83 -9.34
C ALA C 145 -9.33 13.53 -9.65
N ARG C 146 -10.43 13.29 -8.93
CA ARG C 146 -11.20 12.08 -9.16
C ARG C 146 -11.67 12.00 -10.62
N ILE C 147 -12.25 13.09 -11.11
CA ILE C 147 -12.72 13.14 -12.49
C ILE C 147 -11.66 12.65 -13.47
N CYS C 148 -10.45 13.17 -13.32
CA CYS C 148 -9.33 12.82 -14.18
C CYS C 148 -8.88 11.38 -14.01
N ARG C 149 -9.08 10.85 -12.83
CA ARG C 149 -8.67 9.47 -12.61
C ARG C 149 -9.72 8.59 -13.26
N ASP C 150 -10.99 8.92 -13.02
CA ASP C 150 -12.11 8.15 -13.58
C ASP C 150 -11.99 8.03 -15.08
N LEU C 151 -12.05 9.17 -15.76
CA LEU C 151 -11.96 9.18 -17.21
C LEU C 151 -10.74 8.44 -17.75
N SER C 152 -9.63 8.49 -17.02
CA SER C 152 -8.41 7.82 -17.46
C SER C 152 -8.61 6.33 -17.70
N HIS C 153 -9.69 5.77 -17.16
CA HIS C 153 -9.96 4.37 -17.34
C HIS C 153 -10.77 4.13 -18.60
N ILE C 154 -11.39 5.18 -19.10
CA ILE C 154 -12.21 5.08 -20.30
C ILE C 154 -11.39 5.32 -21.56
N GLY C 155 -10.58 6.38 -21.55
CA GLY C 155 -9.74 6.71 -22.70
C GLY C 155 -8.53 7.56 -22.37
N ASP C 156 -7.76 7.92 -23.39
CA ASP C 156 -6.55 8.71 -23.19
C ASP C 156 -6.75 10.22 -23.12
N ALA C 157 -7.75 10.74 -23.83
CA ALA C 157 -8.02 12.16 -23.84
C ALA C 157 -9.38 12.50 -23.23
N VAL C 158 -9.52 13.76 -22.82
CA VAL C 158 -10.78 14.24 -22.26
C VAL C 158 -11.25 15.50 -22.96
N VAL C 159 -12.52 15.52 -23.33
CA VAL C 159 -13.12 16.68 -23.96
C VAL C 159 -13.81 17.47 -22.85
N ILE C 160 -13.35 18.70 -22.62
CA ILE C 160 -13.95 19.57 -21.61
C ILE C 160 -14.90 20.53 -22.34
N SER C 161 -16.21 20.34 -22.18
CA SER C 161 -17.20 21.20 -22.80
C SER C 161 -17.81 22.08 -21.75
N CYS C 162 -17.65 23.38 -21.90
CA CYS C 162 -18.19 24.33 -20.94
C CYS C 162 -19.31 25.12 -21.60
N ALA C 163 -20.49 25.07 -21.00
CA ALA C 163 -21.64 25.79 -21.53
C ALA C 163 -22.12 26.81 -20.50
N LYS C 164 -23.37 27.25 -20.65
CA LYS C 164 -23.94 28.23 -19.74
C LYS C 164 -24.16 27.62 -18.36
N ASP C 165 -25.02 26.62 -18.31
CA ASP C 165 -25.36 25.92 -17.06
C ASP C 165 -24.17 25.30 -16.31
N GLY C 166 -23.48 24.37 -16.97
CA GLY C 166 -22.35 23.72 -16.33
C GLY C 166 -21.21 23.30 -17.25
N VAL C 167 -20.31 22.48 -16.72
CA VAL C 167 -19.17 22.02 -17.48
C VAL C 167 -19.22 20.50 -17.63
N LYS C 168 -18.69 19.97 -18.73
CA LYS C 168 -18.71 18.53 -18.94
C LYS C 168 -17.39 17.92 -19.42
N PHE C 169 -17.02 16.79 -18.83
CA PHE C 169 -15.80 16.09 -19.20
C PHE C 169 -16.21 14.76 -19.80
N SER C 170 -15.58 14.36 -20.91
CA SER C 170 -15.93 13.08 -21.52
C SER C 170 -14.79 12.42 -22.30
N ALA C 171 -14.87 11.10 -22.38
CA ALA C 171 -13.86 10.31 -23.07
C ALA C 171 -14.46 9.03 -23.66
N SER C 172 -13.67 8.36 -24.48
CA SER C 172 -14.12 7.13 -25.11
C SER C 172 -12.95 6.24 -25.49
N GLY C 173 -13.20 4.93 -25.53
CA GLY C 173 -12.16 3.98 -25.89
C GLY C 173 -12.73 2.61 -26.20
N GLU C 174 -11.90 1.58 -26.05
CA GLU C 174 -12.29 0.19 -26.31
C GLU C 174 -13.55 -0.18 -25.55
N LEU C 175 -13.53 0.06 -24.25
CA LEU C 175 -14.66 -0.28 -23.40
C LEU C 175 -15.75 0.76 -23.35
N GLY C 176 -16.12 1.30 -24.51
CA GLY C 176 -17.16 2.30 -24.56
C GLY C 176 -16.72 3.70 -24.19
N ASN C 177 -17.64 4.48 -23.65
CA ASN C 177 -17.32 5.85 -23.28
C ASN C 177 -18.20 6.37 -22.15
N GLY C 178 -17.82 7.51 -21.59
CA GLY C 178 -18.60 8.09 -20.52
C GLY C 178 -18.29 9.57 -20.34
N ASN C 179 -19.08 10.23 -19.50
CA ASN C 179 -18.86 11.63 -19.24
C ASN C 179 -19.42 12.04 -17.88
N ILE C 180 -18.82 13.05 -17.28
CA ILE C 180 -19.20 13.56 -15.97
C ILE C 180 -19.68 14.99 -16.14
N LYS C 181 -20.81 15.33 -15.52
CA LYS C 181 -21.35 16.67 -15.61
C LYS C 181 -21.38 17.38 -14.29
N LEU C 182 -20.80 18.58 -14.26
CA LEU C 182 -20.80 19.43 -13.07
C LEU C 182 -21.68 20.65 -13.36
N SER C 183 -22.45 21.08 -12.37
CA SER C 183 -23.34 22.22 -12.51
C SER C 183 -23.14 23.17 -11.33
N GLN C 184 -23.32 24.47 -11.57
CA GLN C 184 -23.14 25.47 -10.52
C GLN C 184 -24.13 25.19 -9.38
N THR C 185 -23.84 25.73 -8.19
CA THR C 185 -24.73 25.50 -7.06
C THR C 185 -24.88 26.69 -6.11
N GLU C 191 -18.39 25.59 1.12
CA GLU C 191 -17.78 26.68 0.38
C GLU C 191 -16.75 26.18 -0.60
N GLU C 192 -15.84 25.32 -0.14
CA GLU C 192 -14.81 24.76 -1.01
C GLU C 192 -15.33 23.41 -1.50
N GLU C 193 -16.65 23.26 -1.43
CA GLU C 193 -17.36 22.05 -1.83
C GLU C 193 -18.24 22.41 -3.02
N ALA C 194 -18.36 23.72 -3.27
CA ALA C 194 -19.21 24.22 -4.35
C ALA C 194 -18.45 24.39 -5.68
N VAL C 195 -19.22 24.50 -6.77
CA VAL C 195 -18.67 24.66 -8.11
C VAL C 195 -19.19 25.95 -8.73
N THR C 196 -18.29 26.86 -9.07
CA THR C 196 -18.71 28.11 -9.69
C THR C 196 -18.18 28.14 -11.11
N ILE C 197 -18.99 28.69 -12.01
CA ILE C 197 -18.62 28.75 -13.42
C ILE C 197 -18.83 30.15 -13.97
N GLU C 198 -17.88 30.60 -14.79
CA GLU C 198 -17.95 31.91 -15.43
C GLU C 198 -17.79 31.73 -16.93
N MET C 199 -18.92 31.56 -17.60
CA MET C 199 -18.94 31.32 -19.05
C MET C 199 -19.36 32.57 -19.84
N ASN C 200 -18.42 33.14 -20.60
CA ASN C 200 -18.69 34.31 -21.44
C ASN C 200 -18.98 33.75 -22.82
N GLU C 201 -18.34 32.62 -23.12
CA GLU C 201 -18.50 31.94 -24.41
C GLU C 201 -18.37 30.43 -24.25
N PRO C 202 -19.33 29.67 -24.77
CA PRO C 202 -19.22 28.22 -24.65
C PRO C 202 -17.89 27.80 -25.26
N VAL C 203 -17.21 26.85 -24.64
CA VAL C 203 -15.93 26.37 -25.16
C VAL C 203 -15.88 24.85 -25.16
N GLN C 204 -15.04 24.30 -26.05
CA GLN C 204 -14.88 22.86 -26.14
C GLN C 204 -13.43 22.60 -26.53
N LEU C 205 -12.73 21.82 -25.71
CA LEU C 205 -11.32 21.54 -25.99
C LEU C 205 -10.95 20.14 -25.54
N THR C 206 -9.98 19.56 -26.25
CA THR C 206 -9.49 18.21 -25.97
C THR C 206 -8.12 18.23 -25.32
N PHE C 207 -7.96 17.51 -24.21
CA PHE C 207 -6.69 17.44 -23.49
C PHE C 207 -6.36 16.00 -23.15
N ALA C 208 -5.07 15.74 -22.94
CA ALA C 208 -4.58 14.41 -22.59
C ALA C 208 -4.70 14.21 -21.07
N LEU C 209 -5.45 13.19 -20.68
CA LEU C 209 -5.65 12.89 -19.27
C LEU C 209 -4.31 12.57 -18.60
N ARG C 210 -3.36 12.08 -19.37
CA ARG C 210 -2.05 11.75 -18.84
C ARG C 210 -1.45 12.95 -18.14
N TYR C 211 -1.54 14.12 -18.77
CA TYR C 211 -0.94 15.30 -18.19
C TYR C 211 -1.80 15.89 -17.09
N LEU C 212 -3.10 15.89 -17.30
CA LEU C 212 -4.00 16.40 -16.29
C LEU C 212 -3.72 15.62 -14.99
N ASN C 213 -3.47 14.32 -15.13
CA ASN C 213 -3.18 13.50 -13.97
C ASN C 213 -1.89 13.91 -13.29
N PHE C 214 -0.95 14.51 -14.02
CA PHE C 214 0.30 14.97 -13.41
C PHE C 214 0.00 16.22 -12.64
N PHE C 215 -0.83 17.07 -13.23
CA PHE C 215 -1.20 18.32 -12.60
C PHE C 215 -1.83 18.08 -11.26
N THR C 216 -2.62 17.01 -11.16
CA THR C 216 -3.32 16.68 -9.93
C THR C 216 -2.45 16.26 -8.74
N LYS C 217 -1.16 16.06 -8.98
CA LYS C 217 -0.29 15.71 -7.86
C LYS C 217 -0.17 16.92 -6.94
N ALA C 218 -0.77 18.03 -7.36
CA ALA C 218 -0.74 19.25 -6.58
C ALA C 218 -1.97 19.37 -5.67
N THR C 219 -2.90 18.45 -5.80
CA THR C 219 -4.11 18.48 -5.00
C THR C 219 -3.89 18.74 -3.50
N PRO C 220 -2.86 18.12 -2.91
CA PRO C 220 -2.67 18.37 -1.49
C PRO C 220 -2.22 19.79 -1.15
N LEU C 221 -2.17 20.67 -2.15
CA LEU C 221 -1.75 22.04 -1.91
C LEU C 221 -2.94 22.98 -1.70
N SER C 222 -4.11 22.57 -2.20
CA SER C 222 -5.27 23.42 -2.06
C SER C 222 -6.57 22.65 -2.05
N SER C 223 -7.55 23.18 -1.33
CA SER C 223 -8.86 22.56 -1.24
C SER C 223 -9.56 22.69 -2.58
N THR C 224 -9.20 23.74 -3.30
CA THR C 224 -9.83 24.01 -4.57
C THR C 224 -8.85 24.28 -5.70
N VAL C 225 -9.37 24.20 -6.92
CA VAL C 225 -8.58 24.42 -8.12
C VAL C 225 -9.50 25.10 -9.12
N THR C 226 -8.94 26.02 -9.91
CA THR C 226 -9.72 26.71 -10.93
C THR C 226 -9.20 26.31 -12.30
N LEU C 227 -10.11 26.10 -13.25
CA LEU C 227 -9.73 25.74 -14.63
C LEU C 227 -10.10 26.89 -15.55
N SER C 228 -9.15 27.38 -16.33
CA SER C 228 -9.41 28.50 -17.24
C SER C 228 -9.19 28.12 -18.70
N MET C 229 -10.27 28.08 -19.46
CA MET C 229 -10.18 27.71 -20.87
C MET C 229 -10.60 28.84 -21.80
N SER C 230 -10.30 28.63 -23.08
CA SER C 230 -10.65 29.57 -24.13
C SER C 230 -10.36 28.88 -25.44
N ALA C 231 -11.12 29.20 -26.47
CA ALA C 231 -10.92 28.58 -27.78
C ALA C 231 -9.51 28.63 -28.30
N ASP C 232 -9.00 27.46 -28.70
CA ASP C 232 -7.67 27.32 -29.27
C ASP C 232 -6.51 27.95 -28.48
N VAL C 233 -6.42 27.63 -27.20
CA VAL C 233 -5.33 28.13 -26.37
C VAL C 233 -5.14 27.14 -25.23
N PRO C 234 -3.95 27.17 -24.60
CA PRO C 234 -3.60 26.28 -23.48
C PRO C 234 -4.55 26.41 -22.29
N LEU C 235 -4.98 25.28 -21.76
CA LEU C 235 -5.85 25.25 -20.61
C LEU C 235 -4.99 25.64 -19.40
N VAL C 236 -5.57 26.38 -18.46
CA VAL C 236 -4.84 26.77 -17.27
C VAL C 236 -5.43 26.06 -16.07
N VAL C 237 -4.57 25.35 -15.35
CA VAL C 237 -4.96 24.62 -14.15
C VAL C 237 -4.16 25.25 -13.01
N GLU C 238 -4.85 25.90 -12.08
CA GLU C 238 -4.15 26.58 -11.00
C GLU C 238 -4.58 26.26 -9.58
N TYR C 239 -3.57 26.02 -8.75
CA TYR C 239 -3.73 25.70 -7.34
C TYR C 239 -3.11 26.80 -6.48
N LYS C 240 -3.92 27.39 -5.61
CA LYS C 240 -3.38 28.45 -4.77
C LYS C 240 -2.60 27.87 -3.60
N ILE C 241 -1.53 28.54 -3.21
CA ILE C 241 -0.74 28.08 -2.07
C ILE C 241 -0.87 29.15 -0.98
N ALA C 242 -2.05 29.18 -0.35
CA ALA C 242 -2.40 30.11 0.72
C ALA C 242 -1.29 31.04 1.20
N ASP C 243 -1.45 32.34 0.95
CA ASP C 243 -0.49 33.37 1.38
C ASP C 243 0.95 33.24 0.89
N MET C 244 1.26 32.13 0.24
CA MET C 244 2.60 31.92 -0.27
C MET C 244 2.67 32.40 -1.71
N GLY C 245 1.71 31.93 -2.50
CA GLY C 245 1.64 32.24 -3.91
C GLY C 245 0.78 31.18 -4.58
N HIS C 246 1.30 30.57 -5.64
CA HIS C 246 0.52 29.56 -6.34
C HIS C 246 1.35 28.64 -7.22
N LEU C 247 0.66 27.77 -7.94
CA LEU C 247 1.26 26.79 -8.84
C LEU C 247 0.31 26.69 -10.04
N LYS C 248 0.80 27.08 -11.22
CA LYS C 248 -0.03 27.05 -12.44
C LYS C 248 0.50 26.08 -13.49
N TYR C 249 -0.42 25.31 -14.05
CA TYR C 249 -0.08 24.34 -15.07
C TYR C 249 -0.80 24.71 -16.37
N TYR C 250 -0.04 24.92 -17.42
CA TYR C 250 -0.61 25.23 -18.73
C TYR C 250 -0.48 24.01 -19.62
N LEU C 251 -1.58 23.54 -20.17
CA LEU C 251 -1.53 22.37 -21.05
C LEU C 251 -2.01 22.74 -22.45
N ALA C 252 -1.19 22.41 -23.45
CA ALA C 252 -1.53 22.69 -24.83
C ALA C 252 -2.63 21.70 -25.19
N PRO C 253 -3.68 22.17 -25.88
CA PRO C 253 -4.77 21.28 -26.27
C PRO C 253 -4.35 20.42 -27.46
N LYS C 254 -5.17 19.44 -27.80
CA LYS C 254 -4.92 18.58 -28.95
C LYS C 254 -5.74 19.17 -30.07
N ILE C 255 -5.12 19.29 -31.24
CA ILE C 255 -5.73 19.87 -32.41
C ILE C 255 -6.17 18.78 -33.39
N GLU C 256 -7.15 19.10 -34.24
CA GLU C 256 -7.62 18.14 -35.24
C GLU C 256 -6.83 18.35 -36.52
N ASP C 257 -6.56 17.26 -37.24
CA ASP C 257 -5.81 17.30 -38.49
C ASP C 257 -6.75 17.02 -39.65
N ALA D 2 -8.65 17.88 -32.30
CA ALA D 2 -9.14 16.84 -31.35
C ALA D 2 -8.57 15.48 -31.76
N ASN D 3 -7.33 15.48 -32.22
CA ASN D 3 -6.70 14.24 -32.63
C ASN D 3 -5.18 14.25 -32.42
N ARG D 4 -4.55 15.36 -32.69
CA ARG D 4 -3.11 15.43 -32.53
C ARG D 4 -2.65 16.34 -31.41
N GLN D 5 -1.80 15.80 -30.53
CA GLN D 5 -1.30 16.61 -29.42
C GLN D 5 -0.39 17.71 -29.94
N VAL D 6 -0.59 18.92 -29.44
CA VAL D 6 0.22 20.07 -29.83
C VAL D 6 1.17 20.44 -28.72
N SER D 7 2.33 20.98 -29.05
CA SER D 7 3.30 21.37 -28.04
C SER D 7 3.08 22.84 -27.64
N ILE D 8 3.29 23.16 -26.36
CA ILE D 8 3.08 24.54 -25.86
C ILE D 8 3.88 25.60 -26.60
N THR D 9 4.96 25.17 -27.27
CA THR D 9 5.79 26.10 -28.02
C THR D 9 4.97 26.75 -29.13
N GLY D 10 4.04 25.99 -29.71
CA GLY D 10 3.19 26.52 -30.77
C GLY D 10 2.18 27.55 -30.26
N PHE D 11 1.98 27.61 -28.94
CA PHE D 11 1.05 28.56 -28.34
C PHE D 11 1.80 29.65 -27.61
N PHE D 12 2.97 29.28 -27.09
CA PHE D 12 3.80 30.21 -26.37
C PHE D 12 5.15 30.41 -27.04
N GLN D 13 5.52 31.67 -27.24
CA GLN D 13 6.78 32.06 -27.87
C GLN D 13 7.81 32.37 -26.77
N ARG D 14 9.10 32.33 -27.10
CA ARG D 14 10.16 32.60 -26.13
C ARG D 14 10.64 34.04 -26.14
N MET E 1 11.04 -32.50 26.42
CA MET E 1 9.79 -31.96 25.81
C MET E 1 9.63 -30.49 26.14
N PHE E 2 9.73 -29.64 25.12
CA PHE E 2 9.60 -28.19 25.29
C PHE E 2 8.18 -27.70 25.12
N GLU E 3 7.82 -26.70 25.92
CA GLU E 3 6.49 -26.12 25.87
C GLU E 3 6.42 -24.76 26.53
N ALA E 4 6.20 -23.72 25.72
CA ALA E 4 6.12 -22.35 26.21
C ALA E 4 4.83 -21.69 25.72
N ARG E 5 4.20 -20.95 26.63
CA ARG E 5 2.95 -20.25 26.36
C ARG E 5 3.18 -18.75 26.42
N LEU E 6 2.94 -18.08 25.32
CA LEU E 6 3.15 -16.64 25.23
C LEU E 6 1.83 -15.95 24.92
N VAL E 7 1.30 -15.21 25.89
CA VAL E 7 0.02 -14.53 25.69
C VAL E 7 0.08 -13.36 24.70
N GLN E 8 1.15 -12.57 24.77
CA GLN E 8 1.29 -11.46 23.83
C GLN E 8 2.03 -11.98 22.61
N GLY E 9 1.44 -12.99 21.97
CA GLY E 9 2.03 -13.59 20.79
C GLY E 9 2.55 -12.63 19.73
N SER E 10 2.00 -11.42 19.68
CA SER E 10 2.44 -10.44 18.69
C SER E 10 3.94 -10.21 18.83
N ILE E 11 4.46 -10.50 20.01
CA ILE E 11 5.88 -10.36 20.28
C ILE E 11 6.64 -11.33 19.38
N LEU E 12 6.16 -12.56 19.30
CA LEU E 12 6.87 -13.53 18.49
C LEU E 12 6.85 -13.09 17.05
N LYS E 13 5.68 -12.59 16.64
CA LYS E 13 5.49 -12.12 15.27
C LYS E 13 6.50 -11.02 14.97
N LYS E 14 6.56 -10.04 15.85
CA LYS E 14 7.49 -8.93 15.65
C LYS E 14 8.93 -9.40 15.61
N VAL E 15 9.25 -10.43 16.39
CA VAL E 15 10.63 -10.94 16.40
C VAL E 15 11.02 -11.54 15.05
N LEU E 16 10.16 -12.38 14.49
CA LEU E 16 10.49 -12.97 13.21
C LEU E 16 10.51 -11.95 12.07
N GLU E 17 9.69 -10.91 12.20
CA GLU E 17 9.68 -9.86 11.18
C GLU E 17 10.96 -9.06 11.28
N ALA E 18 11.69 -9.25 12.38
CA ALA E 18 12.96 -8.55 12.59
C ALA E 18 14.18 -9.40 12.28
N LEU E 19 14.00 -10.70 12.08
CA LEU E 19 15.14 -11.57 11.79
C LEU E 19 15.11 -12.12 10.37
N LYS E 20 13.91 -12.46 9.90
CA LYS E 20 13.70 -13.06 8.58
C LYS E 20 14.46 -12.46 7.40
N ASP E 21 14.55 -11.14 7.34
CA ASP E 21 15.21 -10.50 6.22
C ASP E 21 16.72 -10.44 6.37
N LEU E 22 17.19 -10.73 7.57
CA LEU E 22 18.63 -10.68 7.83
C LEU E 22 19.19 -12.10 7.91
N ILE E 23 18.37 -13.02 8.41
CA ILE E 23 18.77 -14.41 8.56
C ILE E 23 17.82 -15.41 7.89
N ASN E 24 18.39 -16.33 7.12
CA ASN E 24 17.59 -17.34 6.42
C ASN E 24 17.34 -18.52 7.35
N GLU E 25 18.43 -19.12 7.82
CA GLU E 25 18.39 -20.28 8.70
C GLU E 25 19.14 -20.00 9.99
N ALA E 26 18.46 -20.21 11.13
CA ALA E 26 19.08 -19.97 12.42
C ALA E 26 18.83 -21.12 13.36
N CYS E 27 19.51 -21.09 14.51
CA CYS E 27 19.36 -22.15 15.50
C CYS E 27 18.77 -21.58 16.77
N TRP E 28 17.70 -22.20 17.27
CA TRP E 28 17.04 -21.73 18.49
C TRP E 28 17.41 -22.57 19.69
N ASP E 29 18.24 -22.02 20.58
CA ASP E 29 18.66 -22.73 21.79
C ASP E 29 17.62 -22.57 22.88
N ILE E 30 17.01 -23.69 23.24
CA ILE E 30 16.01 -23.70 24.29
C ILE E 30 16.60 -24.36 25.54
N SER E 31 16.19 -23.87 26.71
CA SER E 31 16.67 -24.41 27.97
C SER E 31 15.76 -23.86 29.08
N SER E 32 16.03 -24.23 30.32
CA SER E 32 15.20 -23.76 31.43
C SER E 32 15.34 -22.26 31.65
N SER E 33 16.40 -21.67 31.11
CA SER E 33 16.62 -20.23 31.23
C SER E 33 15.67 -19.47 30.31
N GLY E 34 15.47 -20.01 29.11
CA GLY E 34 14.62 -19.38 28.13
C GLY E 34 15.18 -19.62 26.75
N VAL E 35 14.49 -19.14 25.72
CA VAL E 35 14.96 -19.33 24.35
C VAL E 35 16.07 -18.32 24.06
N ASN E 36 16.97 -18.68 23.16
CA ASN E 36 18.06 -17.80 22.82
C ASN E 36 18.48 -18.10 21.40
N LEU E 37 18.97 -17.09 20.68
CA LEU E 37 19.39 -17.30 19.32
C LEU E 37 20.52 -16.33 19.01
N GLN E 38 21.57 -16.84 18.38
CA GLN E 38 22.70 -16.01 18.01
C GLN E 38 23.14 -16.47 16.63
N SER E 39 23.24 -15.55 15.68
CA SER E 39 23.63 -15.92 14.33
C SER E 39 24.18 -14.76 13.51
N MET E 40 25.21 -15.04 12.71
CA MET E 40 25.76 -14.01 11.84
C MET E 40 24.71 -13.86 10.77
N ASP E 41 24.73 -12.76 10.04
CA ASP E 41 23.75 -12.59 8.99
C ASP E 41 24.35 -13.33 7.78
N SER E 42 23.62 -13.31 6.67
CA SER E 42 24.09 -13.98 5.45
C SER E 42 25.46 -13.39 5.13
N SER E 43 25.44 -12.08 4.94
CA SER E 43 26.61 -11.29 4.59
C SER E 43 27.84 -11.47 5.50
N HIS E 44 27.62 -12.01 6.69
CA HIS E 44 28.70 -12.18 7.66
C HIS E 44 29.32 -10.84 8.04
N VAL E 45 28.48 -9.81 8.11
CA VAL E 45 28.91 -8.46 8.45
C VAL E 45 28.30 -8.09 9.80
N SER E 46 27.33 -8.89 10.25
CA SER E 46 26.67 -8.63 11.52
C SER E 46 26.28 -9.89 12.29
N LEU E 47 25.94 -9.69 13.57
CA LEU E 47 25.55 -10.78 14.47
C LEU E 47 24.29 -10.37 15.24
N VAL E 48 23.29 -11.26 15.25
CA VAL E 48 22.04 -11.02 15.94
C VAL E 48 22.00 -11.89 17.19
N GLN E 49 21.58 -11.29 18.30
CA GLN E 49 21.50 -12.01 19.56
C GLN E 49 20.10 -11.79 20.15
N LEU E 50 19.29 -12.85 20.14
CA LEU E 50 17.93 -12.78 20.68
C LEU E 50 17.90 -13.45 22.03
N THR E 51 17.19 -12.85 22.97
CA THR E 51 17.07 -13.36 24.33
C THR E 51 15.64 -13.31 24.85
N LEU E 52 15.03 -14.48 24.98
CA LEU E 52 13.67 -14.59 25.49
C LEU E 52 13.67 -15.42 26.79
N ARG E 53 13.74 -14.72 27.92
CA ARG E 53 13.76 -15.34 29.24
C ARG E 53 12.45 -16.04 29.55
N SER E 54 12.55 -17.22 30.17
CA SER E 54 11.38 -17.99 30.54
C SER E 54 10.43 -17.19 31.42
N GLU E 55 10.98 -16.25 32.20
CA GLU E 55 10.15 -15.42 33.07
C GLU E 55 9.08 -14.69 32.27
N GLY E 56 9.49 -14.16 31.12
CA GLY E 56 8.57 -13.43 30.27
C GLY E 56 7.40 -14.27 29.80
N PHE E 57 7.63 -15.56 29.62
CA PHE E 57 6.55 -16.43 29.17
C PHE E 57 5.57 -16.65 30.31
N ASP E 58 4.29 -16.80 29.95
CA ASP E 58 3.23 -17.01 30.92
C ASP E 58 3.14 -18.48 31.35
N THR E 59 4.03 -19.30 30.80
CA THR E 59 4.07 -20.72 31.09
C THR E 59 5.26 -21.26 30.31
N TYR E 60 6.39 -21.49 30.98
CA TYR E 60 7.56 -22.03 30.30
C TYR E 60 7.76 -23.46 30.80
N ARG E 61 8.52 -24.27 30.07
CA ARG E 61 8.74 -25.66 30.47
C ARG E 61 9.68 -26.36 29.50
N CYS E 62 10.90 -26.65 29.97
CA CYS E 62 11.90 -27.29 29.14
C CYS E 62 12.58 -28.46 29.83
N ASP E 63 12.18 -29.68 29.46
CA ASP E 63 12.74 -30.90 30.03
C ASP E 63 14.13 -31.14 29.48
N ARG E 64 14.24 -31.24 28.16
CA ARG E 64 15.54 -31.46 27.51
C ARG E 64 16.02 -30.21 26.79
N ASN E 65 17.30 -29.86 26.96
CA ASN E 65 17.87 -28.70 26.30
C ASN E 65 17.80 -28.94 24.81
N LEU E 66 17.16 -28.01 24.10
CA LEU E 66 16.98 -28.13 22.66
C LEU E 66 17.78 -27.16 21.80
N ALA E 67 18.04 -27.59 20.58
CA ALA E 67 18.75 -26.82 19.58
C ALA E 67 17.96 -27.03 18.29
N MET E 68 17.08 -26.09 17.97
CA MET E 68 16.26 -26.21 16.78
C MET E 68 16.71 -25.41 15.57
N GLY E 69 17.25 -26.11 14.59
CA GLY E 69 17.67 -25.45 13.37
C GLY E 69 16.41 -25.03 12.66
N VAL E 70 16.10 -23.75 12.73
CA VAL E 70 14.88 -23.26 12.10
C VAL E 70 15.09 -22.41 10.87
N ASN E 71 14.19 -22.56 9.91
CA ASN E 71 14.23 -21.78 8.68
C ASN E 71 13.35 -20.59 9.04
N LEU E 72 13.99 -19.45 9.34
CA LEU E 72 13.27 -18.27 9.75
C LEU E 72 12.24 -17.78 8.74
N THR E 73 12.42 -18.16 7.47
CA THR E 73 11.47 -17.74 6.46
C THR E 73 10.18 -18.57 6.58
N SER E 74 10.33 -19.86 6.84
CA SER E 74 9.15 -20.73 6.96
C SER E 74 8.44 -20.39 8.25
N MET E 75 9.21 -20.12 9.28
CA MET E 75 8.64 -19.80 10.58
C MET E 75 7.94 -18.46 10.51
N SER E 76 8.47 -17.58 9.68
CA SER E 76 7.88 -16.26 9.55
C SER E 76 6.53 -16.41 8.86
N LYS E 77 6.54 -17.08 7.70
CA LYS E 77 5.30 -17.32 6.97
C LYS E 77 4.27 -17.93 7.90
N ILE E 78 4.65 -19.02 8.55
CA ILE E 78 3.77 -19.69 9.50
C ILE E 78 3.23 -18.68 10.51
N LEU E 79 4.12 -17.94 11.15
CA LEU E 79 3.71 -16.96 12.15
C LEU E 79 2.75 -15.88 11.69
N LYS E 80 2.64 -15.68 10.37
CA LYS E 80 1.74 -14.66 9.84
C LYS E 80 0.30 -15.18 9.86
N CYS E 81 0.16 -16.46 10.19
CA CYS E 81 -1.16 -17.06 10.26
C CYS E 81 -1.70 -16.90 11.69
N ALA E 82 -1.11 -15.97 12.45
CA ALA E 82 -1.52 -15.71 13.82
C ALA E 82 -2.05 -14.29 13.95
N GLY E 83 -3.13 -14.13 14.69
CA GLY E 83 -3.68 -12.81 14.89
C GLY E 83 -2.79 -12.13 15.89
N ASN E 84 -2.73 -10.81 15.84
CA ASN E 84 -1.87 -10.07 16.76
C ASN E 84 -2.39 -10.19 18.19
N GLU E 85 -3.45 -10.97 18.37
CA GLU E 85 -4.04 -11.16 19.69
C GLU E 85 -4.12 -12.61 20.18
N ASP E 86 -3.80 -13.55 19.29
CA ASP E 86 -3.84 -14.97 19.64
C ASP E 86 -2.79 -15.28 20.68
N ILE E 87 -3.00 -16.40 21.38
CA ILE E 87 -2.06 -16.87 22.39
C ILE E 87 -1.25 -17.89 21.62
N ILE E 88 0.06 -17.69 21.57
CA ILE E 88 0.92 -18.61 20.85
C ILE E 88 1.60 -19.57 21.80
N THR E 89 1.75 -20.81 21.34
CA THR E 89 2.37 -21.85 22.14
C THR E 89 3.43 -22.62 21.38
N LEU E 90 4.69 -22.48 21.78
CA LEU E 90 5.76 -23.25 21.13
C LEU E 90 5.75 -24.56 21.89
N ARG E 91 5.92 -25.66 21.16
CA ARG E 91 5.92 -26.98 21.79
C ARG E 91 6.70 -27.94 20.92
N ALA E 92 7.71 -28.55 21.51
CA ALA E 92 8.52 -29.49 20.76
C ALA E 92 8.73 -30.80 21.51
N GLU E 93 9.26 -31.77 20.78
CA GLU E 93 9.57 -33.09 21.31
C GLU E 93 11.03 -33.36 21.05
N ASP E 94 11.77 -33.56 22.15
CA ASP E 94 13.20 -33.85 22.09
C ASP E 94 13.52 -34.93 21.04
N ASN E 95 12.54 -35.78 20.74
CA ASN E 95 12.72 -36.87 19.77
C ASN E 95 12.23 -36.52 18.36
N ALA E 96 11.30 -35.56 18.28
CA ALA E 96 10.75 -35.17 16.98
C ALA E 96 11.53 -34.00 16.36
N ASP E 97 11.78 -34.12 15.06
CA ASP E 97 12.52 -33.09 14.34
C ASP E 97 11.52 -32.08 13.77
N THR E 98 10.55 -31.71 14.60
CA THR E 98 9.51 -30.77 14.21
C THR E 98 9.05 -29.94 15.38
N LEU E 99 8.82 -28.65 15.15
CA LEU E 99 8.36 -27.75 16.20
C LEU E 99 6.89 -27.48 15.93
N ALA E 100 6.12 -27.27 16.99
CA ALA E 100 4.69 -27.03 16.86
C ALA E 100 4.25 -25.65 17.29
N LEU E 101 3.54 -24.95 16.42
CA LEU E 101 3.04 -23.63 16.74
C LEU E 101 1.52 -23.72 16.82
N VAL E 102 0.99 -23.48 18.01
CA VAL E 102 -0.46 -23.51 18.23
C VAL E 102 -0.92 -22.12 18.59
N PHE E 103 -1.92 -21.62 17.87
CA PHE E 103 -2.44 -20.29 18.13
C PHE E 103 -3.84 -20.41 18.65
N GLU E 104 -4.10 -19.78 19.78
CA GLU E 104 -5.44 -19.80 20.36
C GLU E 104 -5.96 -18.41 20.27
N ALA E 105 -7.11 -18.25 19.63
CA ALA E 105 -7.71 -16.94 19.50
C ALA E 105 -8.35 -16.62 20.85
N PRO E 106 -8.28 -15.34 21.27
CA PRO E 106 -8.85 -14.91 22.55
C PRO E 106 -10.12 -15.69 22.87
N ASN E 107 -11.21 -15.38 22.18
CA ASN E 107 -12.39 -16.17 22.41
C ASN E 107 -11.90 -17.50 21.79
N GLN E 108 -11.97 -18.60 22.54
CA GLN E 108 -11.48 -19.90 22.05
C GLN E 108 -12.46 -20.74 21.25
N GLU E 109 -12.91 -20.21 20.12
CA GLU E 109 -13.80 -20.97 19.26
C GLU E 109 -12.96 -21.39 18.07
N LYS E 110 -11.70 -20.97 18.07
CA LYS E 110 -10.80 -21.27 16.97
C LYS E 110 -9.36 -21.52 17.45
N VAL E 111 -8.76 -22.59 16.95
CA VAL E 111 -7.41 -22.95 17.31
C VAL E 111 -6.65 -23.38 16.08
N SER E 112 -5.51 -22.74 15.85
CA SER E 112 -4.71 -23.08 14.70
C SER E 112 -3.51 -23.88 15.21
N ASP E 113 -3.16 -24.93 14.49
CA ASP E 113 -2.04 -25.74 14.89
C ASP E 113 -1.11 -25.93 13.71
N TYR E 114 0.13 -25.48 13.85
CA TYR E 114 1.12 -25.61 12.78
C TYR E 114 2.34 -26.42 13.24
N GLU E 115 2.70 -27.43 12.46
CA GLU E 115 3.83 -28.29 12.75
C GLU E 115 4.88 -27.92 11.71
N MET E 116 5.94 -27.27 12.15
CA MET E 116 6.98 -26.84 11.24
C MET E 116 8.20 -27.77 11.25
N LYS E 117 8.62 -28.19 10.06
CA LYS E 117 9.75 -29.09 9.92
C LYS E 117 11.07 -28.42 10.29
N LEU E 118 11.79 -29.04 11.22
CA LEU E 118 13.08 -28.51 11.63
C LEU E 118 14.14 -29.02 10.65
N MET E 119 15.39 -28.61 10.87
CA MET E 119 16.47 -29.06 10.02
C MET E 119 17.82 -29.07 10.74
N ASP E 120 18.73 -29.91 10.26
CA ASP E 120 20.04 -30.01 10.86
C ASP E 120 20.91 -28.90 10.28
N LEU E 121 21.32 -27.99 11.16
CA LEU E 121 22.16 -26.86 10.78
C LEU E 121 23.49 -26.94 11.52
N ASP E 122 24.59 -26.85 10.80
CA ASP E 122 25.91 -26.90 11.41
C ASP E 122 26.43 -25.48 11.47
N VAL E 123 25.53 -24.55 11.79
CA VAL E 123 25.82 -23.14 11.89
C VAL E 123 27.19 -22.85 12.51
N GLU E 124 27.85 -21.83 11.97
CA GLU E 124 29.16 -21.40 12.44
C GLU E 124 28.98 -20.51 13.67
N GLN E 125 29.30 -21.04 14.84
CA GLN E 125 29.16 -20.30 16.09
C GLN E 125 30.26 -19.28 16.35
N LEU E 126 29.86 -18.14 16.90
CA LEU E 126 30.79 -17.06 17.23
C LEU E 126 30.66 -16.69 18.70
N GLY E 127 31.70 -16.08 19.24
CA GLY E 127 31.69 -15.67 20.63
C GLY E 127 31.97 -14.19 20.75
N ILE E 128 31.02 -13.45 21.31
CA ILE E 128 31.17 -12.02 21.49
C ILE E 128 32.10 -11.73 22.66
N PRO E 129 33.12 -10.89 22.44
CA PRO E 129 34.09 -10.52 23.47
C PRO E 129 33.50 -9.46 24.35
N GLU E 130 33.11 -9.82 25.57
CA GLU E 130 32.53 -8.84 26.48
C GLU E 130 33.46 -7.63 26.59
N GLN E 131 32.98 -6.45 26.17
CA GLN E 131 33.79 -5.24 26.23
C GLN E 131 33.06 -3.99 26.71
N GLU E 132 33.81 -2.90 26.84
CA GLU E 132 33.26 -1.63 27.30
C GLU E 132 33.08 -0.67 26.13
N TYR E 133 32.14 0.26 26.25
CA TYR E 133 31.86 1.22 25.18
C TYR E 133 32.04 2.71 25.52
N SER E 134 32.75 3.42 24.64
CA SER E 134 33.02 4.84 24.79
C SER E 134 31.72 5.65 24.79
N CYS E 135 30.76 5.26 23.95
CA CYS E 135 29.48 5.96 23.85
C CYS E 135 28.27 5.07 23.78
N VAL E 136 27.23 5.50 24.47
CA VAL E 136 25.98 4.78 24.50
C VAL E 136 24.91 5.84 24.29
N VAL E 137 24.13 5.68 23.22
CA VAL E 137 23.07 6.63 22.89
C VAL E 137 21.71 5.99 22.99
N LYS E 138 20.84 6.53 23.84
CA LYS E 138 19.47 6.02 23.98
C LYS E 138 18.59 7.03 23.25
N MET E 139 17.60 6.54 22.50
CA MET E 139 16.73 7.44 21.74
C MET E 139 15.53 6.69 21.20
N PRO E 140 14.48 7.41 20.81
CA PRO E 140 13.30 6.73 20.29
C PRO E 140 13.70 5.83 19.13
N SER E 141 13.13 4.63 19.06
CA SER E 141 13.46 3.74 17.96
C SER E 141 12.99 4.33 16.65
N GLY E 142 11.85 5.03 16.71
CA GLY E 142 11.28 5.64 15.51
C GLY E 142 12.16 6.70 14.89
N GLU E 143 12.79 7.49 15.75
CA GLU E 143 13.66 8.55 15.30
C GLU E 143 14.86 7.89 14.67
N PHE E 144 15.40 6.87 15.32
CA PHE E 144 16.57 6.19 14.79
C PHE E 144 16.23 5.62 13.42
N ALA E 145 15.10 4.91 13.35
CA ALA E 145 14.62 4.33 12.10
C ALA E 145 14.56 5.40 11.01
N ARG E 146 13.89 6.51 11.29
CA ARG E 146 13.77 7.59 10.32
C ARG E 146 15.14 8.08 9.86
N ILE E 147 16.03 8.31 10.81
CA ILE E 147 17.38 8.76 10.48
C ILE E 147 18.02 7.85 9.41
N CYS E 148 17.94 6.55 9.64
CA CYS E 148 18.52 5.58 8.74
C CYS E 148 17.82 5.54 7.40
N ARG E 149 16.54 5.85 7.40
CA ARG E 149 15.86 5.83 6.13
C ARG E 149 16.25 7.07 5.35
N ASP E 150 16.29 8.21 6.05
CA ASP E 150 16.63 9.48 5.42
C ASP E 150 17.98 9.42 4.75
N LEU E 151 19.01 9.18 5.53
CA LEU E 151 20.36 9.10 5.00
C LEU E 151 20.48 8.13 3.84
N SER E 152 19.68 7.07 3.89
CA SER E 152 19.68 6.07 2.83
C SER E 152 19.43 6.65 1.45
N HIS E 153 18.86 7.84 1.40
CA HIS E 153 18.57 8.51 0.14
C HIS E 153 19.75 9.33 -0.32
N ILE E 154 20.67 9.60 0.61
CA ILE E 154 21.84 10.39 0.29
C ILE E 154 23.00 9.53 -0.18
N GLY E 155 23.32 8.49 0.61
CA GLY E 155 24.42 7.61 0.28
C GLY E 155 24.29 6.20 0.85
N ASP E 156 25.29 5.36 0.61
CA ASP E 156 25.23 3.98 1.10
C ASP E 156 25.67 3.80 2.55
N ALA E 157 26.65 4.57 2.97
CA ALA E 157 27.17 4.47 4.33
C ALA E 157 26.90 5.69 5.19
N VAL E 158 26.89 5.49 6.51
CA VAL E 158 26.68 6.58 7.45
C VAL E 158 27.82 6.67 8.45
N VAL E 159 28.33 7.88 8.63
CA VAL E 159 29.38 8.14 9.59
C VAL E 159 28.71 8.60 10.88
N ILE E 160 28.87 7.83 11.95
CA ILE E 160 28.28 8.18 13.26
C ILE E 160 29.36 8.84 14.11
N SER E 161 29.27 10.16 14.28
CA SER E 161 30.24 10.88 15.10
C SER E 161 29.61 11.23 16.43
N CYS E 162 30.20 10.73 17.50
CA CYS E 162 29.69 10.99 18.84
C CYS E 162 30.69 11.84 19.61
N ALA E 163 30.24 13.00 20.08
CA ALA E 163 31.09 13.92 20.83
C ALA E 163 30.53 14.10 22.22
N LYS E 164 30.93 15.18 22.88
CA LYS E 164 30.46 15.46 24.24
C LYS E 164 28.98 15.85 24.26
N ASP E 165 28.68 16.96 23.59
CA ASP E 165 27.33 17.49 23.50
C ASP E 165 26.32 16.50 22.90
N GLY E 166 26.54 16.08 21.65
CA GLY E 166 25.62 15.16 21.01
C GLY E 166 26.21 14.18 20.01
N VAL E 167 25.34 13.52 19.25
CA VAL E 167 25.77 12.56 18.26
C VAL E 167 25.39 13.04 16.86
N LYS E 168 26.18 12.66 15.85
CA LYS E 168 25.89 13.08 14.49
C LYS E 168 26.03 11.97 13.42
N PHE E 169 25.03 11.86 12.56
CA PHE E 169 25.04 10.88 11.48
C PHE E 169 25.19 11.66 10.17
N SER E 170 25.96 11.13 9.24
CA SER E 170 26.11 11.83 7.97
C SER E 170 26.51 10.94 6.80
N ALA E 171 26.12 11.36 5.60
CA ALA E 171 26.40 10.62 4.38
C ALA E 171 26.60 11.54 3.19
N SER E 172 27.05 10.96 2.08
CA SER E 172 27.26 11.72 0.86
C SER E 172 27.16 10.81 -0.36
N GLY E 173 26.78 11.40 -1.49
CA GLY E 173 26.64 10.65 -2.71
C GLY E 173 26.53 11.54 -3.93
N GLU E 174 25.96 11.01 -5.02
CA GLU E 174 25.79 11.75 -6.26
C GLU E 174 25.07 13.08 -6.02
N LEU E 175 23.95 13.00 -5.32
CA LEU E 175 23.14 14.18 -5.03
C LEU E 175 23.55 14.93 -3.78
N GLY E 176 24.85 15.17 -3.65
CA GLY E 176 25.37 15.90 -2.51
C GLY E 176 25.47 15.12 -1.22
N ASN E 177 25.31 15.80 -0.10
CA ASN E 177 25.41 15.12 1.18
C ASN E 177 24.61 15.81 2.27
N GLY E 178 24.44 15.14 3.39
CA GLY E 178 23.69 15.72 4.48
C GLY E 178 24.01 15.05 5.80
N ASN E 179 23.53 15.62 6.91
CA ASN E 179 23.76 15.04 8.21
C ASN E 179 22.70 15.45 9.22
N ILE E 180 22.45 14.59 10.19
CA ILE E 180 21.45 14.86 11.20
C ILE E 180 22.12 14.92 12.55
N LYS E 181 21.77 15.93 13.35
CA LYS E 181 22.37 16.10 14.66
C LYS E 181 21.39 15.95 15.80
N LEU E 182 21.72 15.05 16.73
CA LEU E 182 20.90 14.84 17.92
C LEU E 182 21.71 15.35 19.12
N SER E 183 21.02 16.00 20.05
CA SER E 183 21.66 16.53 21.26
C SER E 183 20.87 16.09 22.49
N GLN E 184 21.56 15.94 23.61
CA GLN E 184 20.91 15.50 24.84
C GLN E 184 19.79 16.43 25.32
N THR E 185 18.87 15.84 26.08
CA THR E 185 17.73 16.54 26.65
C THR E 185 18.16 17.51 27.74
N SER E 186 17.24 18.39 28.15
CA SER E 186 17.51 19.37 29.20
C SER E 186 16.23 19.75 29.94
N GLU E 193 10.96 9.81 24.43
CA GLU E 193 11.01 10.89 23.46
C GLU E 193 12.34 11.63 23.56
N ALA E 194 13.04 11.40 24.67
CA ALA E 194 14.31 12.06 24.92
C ALA E 194 15.51 11.28 24.38
N VAL E 195 16.66 11.96 24.32
CA VAL E 195 17.90 11.38 23.84
C VAL E 195 18.99 11.54 24.91
N THR E 196 19.50 10.43 25.43
CA THR E 196 20.57 10.49 26.44
C THR E 196 21.85 9.98 25.82
N ILE E 197 22.97 10.60 26.20
CA ILE E 197 24.27 10.23 25.65
C ILE E 197 25.31 10.06 26.74
N GLU E 198 26.10 9.01 26.62
CA GLU E 198 27.17 8.71 27.59
C GLU E 198 28.49 8.61 26.84
N MET E 199 29.18 9.74 26.74
CA MET E 199 30.43 9.83 26.03
C MET E 199 31.64 9.89 26.95
N ASN E 200 32.44 8.83 26.97
CA ASN E 200 33.66 8.79 27.77
C ASN E 200 34.78 9.19 26.84
N GLU E 201 34.57 8.90 25.56
CA GLU E 201 35.54 9.19 24.53
C GLU E 201 34.89 9.50 23.18
N PRO E 202 35.21 10.65 22.58
CA PRO E 202 34.60 10.93 21.28
C PRO E 202 34.90 9.78 20.33
N VAL E 203 33.92 9.37 19.54
CA VAL E 203 34.12 8.26 18.60
C VAL E 203 33.60 8.63 17.21
N GLN E 204 34.13 7.95 16.21
CA GLN E 204 33.71 8.17 14.84
C GLN E 204 33.83 6.86 14.11
N LEU E 205 32.73 6.38 13.55
CA LEU E 205 32.74 5.10 12.83
C LEU E 205 31.81 5.12 11.62
N THR E 206 32.20 4.35 10.61
CA THR E 206 31.45 4.26 9.37
C THR E 206 30.71 2.92 9.27
N PHE E 207 29.41 2.98 9.00
CA PHE E 207 28.57 1.79 8.88
C PHE E 207 27.72 1.85 7.63
N ALA E 208 27.27 0.68 7.17
CA ALA E 208 26.44 0.58 5.97
C ALA E 208 24.99 0.75 6.35
N LEU E 209 24.35 1.74 5.75
CA LEU E 209 22.95 2.01 6.03
C LEU E 209 22.06 0.82 5.64
N ARG E 210 22.53 0.03 4.70
CA ARG E 210 21.80 -1.14 4.26
C ARG E 210 21.49 -2.05 5.44
N TYR E 211 22.50 -2.26 6.29
CA TYR E 211 22.30 -3.15 7.43
C TYR E 211 21.59 -2.50 8.58
N LEU E 212 21.89 -1.22 8.79
CA LEU E 212 21.21 -0.50 9.85
C LEU E 212 19.73 -0.55 9.54
N ASN E 213 19.38 -0.48 8.26
CA ASN E 213 17.98 -0.52 7.86
C ASN E 213 17.34 -1.88 8.15
N PHE E 214 18.14 -2.94 8.21
CA PHE E 214 17.60 -4.26 8.52
C PHE E 214 17.35 -4.29 10.01
N PHE E 215 18.29 -3.73 10.75
CA PHE E 215 18.17 -3.70 12.20
C PHE E 215 16.89 -3.04 12.61
N THR E 216 16.52 -1.98 11.91
CA THR E 216 15.33 -1.22 12.25
C THR E 216 13.99 -1.95 12.07
N LYS E 217 14.01 -3.16 11.49
CA LYS E 217 12.77 -3.90 11.33
C LYS E 217 12.31 -4.33 12.73
N ALA E 218 13.13 -4.07 13.73
CA ALA E 218 12.82 -4.43 15.10
C ALA E 218 12.11 -3.29 15.85
N THR E 219 12.04 -2.11 15.20
CA THR E 219 11.43 -0.94 15.79
C THR E 219 10.11 -1.22 16.51
N PRO E 220 9.22 -2.02 15.91
CA PRO E 220 7.96 -2.27 16.61
C PRO E 220 8.09 -3.09 17.89
N LEU E 221 9.32 -3.39 18.29
CA LEU E 221 9.54 -4.17 19.50
C LEU E 221 9.79 -3.29 20.72
N SER E 222 10.21 -2.06 20.49
CA SER E 222 10.49 -1.16 21.60
C SER E 222 10.37 0.31 21.23
N SER E 223 9.94 1.12 22.19
CA SER E 223 9.77 2.55 22.02
C SER E 223 11.15 3.18 21.82
N THR E 224 12.14 2.58 22.47
CA THR E 224 13.50 3.11 22.38
C THR E 224 14.53 2.07 21.97
N VAL E 225 15.69 2.58 21.60
CA VAL E 225 16.78 1.74 21.17
C VAL E 225 18.07 2.42 21.65
N THR E 226 19.07 1.62 22.03
CA THR E 226 20.34 2.18 22.48
C THR E 226 21.45 1.81 21.51
N LEU E 227 22.34 2.74 21.21
CA LEU E 227 23.45 2.50 20.30
C LEU E 227 24.76 2.54 21.11
N SER E 228 25.58 1.49 20.98
CA SER E 228 26.83 1.42 21.72
C SER E 228 28.04 1.27 20.79
N MET E 229 28.86 2.31 20.74
CA MET E 229 30.02 2.29 19.88
C MET E 229 31.32 2.39 20.67
N SER E 230 32.41 2.22 19.95
CA SER E 230 33.74 2.30 20.51
C SER E 230 34.69 2.21 19.34
N ALA E 231 35.85 2.84 19.47
CA ALA E 231 36.82 2.82 18.40
C ALA E 231 37.18 1.42 17.90
N ASP E 232 37.12 1.26 16.59
CA ASP E 232 37.46 0.01 15.94
C ASP E 232 36.83 -1.26 16.52
N VAL E 233 35.51 -1.26 16.65
CA VAL E 233 34.81 -2.44 17.13
C VAL E 233 33.38 -2.37 16.57
N PRO E 234 32.68 -3.52 16.54
CA PRO E 234 31.31 -3.59 16.05
C PRO E 234 30.35 -2.71 16.84
N LEU E 235 29.49 -2.00 16.13
CA LEU E 235 28.50 -1.13 16.73
C LEU E 235 27.43 -2.04 17.31
N VAL E 236 26.86 -1.66 18.45
CA VAL E 236 25.81 -2.45 19.06
C VAL E 236 24.51 -1.71 18.98
N VAL E 237 23.50 -2.36 18.40
CA VAL E 237 22.17 -1.80 18.27
C VAL E 237 21.28 -2.73 19.05
N GLU E 238 20.68 -2.24 20.12
CA GLU E 238 19.85 -3.09 20.96
C GLU E 238 18.45 -2.59 21.27
N TYR E 239 17.50 -3.51 21.11
CA TYR E 239 16.09 -3.25 21.36
C TYR E 239 15.63 -4.14 22.51
N LYS E 240 15.05 -3.54 23.54
CA LYS E 240 14.59 -4.33 24.65
C LYS E 240 13.21 -4.92 24.37
N ILE E 241 12.98 -6.12 24.85
CA ILE E 241 11.67 -6.77 24.67
C ILE E 241 11.04 -6.93 26.05
N ALA E 242 10.55 -5.82 26.58
CA ALA E 242 9.89 -5.76 27.90
C ALA E 242 9.66 -7.07 28.63
N ASP E 243 10.36 -7.26 29.75
CA ASP E 243 10.22 -8.45 30.59
C ASP E 243 10.50 -9.79 29.92
N MET E 244 10.71 -9.78 28.61
CA MET E 244 10.98 -11.02 27.90
C MET E 244 12.48 -11.23 27.75
N GLY E 245 13.16 -10.15 27.35
CA GLY E 245 14.59 -10.20 27.14
C GLY E 245 14.95 -9.11 26.16
N HIS E 246 15.67 -9.44 25.09
CA HIS E 246 16.04 -8.43 24.11
C HIS E 246 16.47 -8.98 22.77
N LEU E 247 16.89 -8.06 21.91
CA LEU E 247 17.34 -8.37 20.57
C LEU E 247 18.51 -7.42 20.31
N LYS E 248 19.71 -7.98 20.12
CA LYS E 248 20.91 -7.18 19.86
C LYS E 248 21.48 -7.44 18.48
N TYR E 249 21.86 -6.37 17.80
CA TYR E 249 22.44 -6.46 16.46
C TYR E 249 23.84 -5.86 16.50
N TYR E 250 24.83 -6.65 16.10
CA TYR E 250 26.21 -6.16 16.05
C TYR E 250 26.59 -5.97 14.60
N LEU E 251 27.08 -4.78 14.26
CA LEU E 251 27.48 -4.52 12.88
C LEU E 251 28.96 -4.19 12.82
N ALA E 252 29.68 -4.89 11.96
CA ALA E 252 31.11 -4.64 11.81
C ALA E 252 31.22 -3.33 11.06
N PRO E 253 32.16 -2.47 11.47
CA PRO E 253 32.33 -1.18 10.80
C PRO E 253 33.05 -1.35 9.48
N LYS E 254 33.15 -0.26 8.72
CA LYS E 254 33.89 -0.27 7.46
C LYS E 254 35.22 0.38 7.78
N ILE E 255 36.27 -0.27 7.36
CA ILE E 255 37.61 0.19 7.63
C ILE E 255 38.18 0.92 6.45
N GLU E 256 39.13 1.81 6.72
CA GLU E 256 39.78 2.56 5.67
C GLU E 256 41.02 1.79 5.21
N ASP E 257 40.93 1.12 4.05
CA ASP E 257 42.06 0.36 3.52
C ASP E 257 43.10 1.38 3.09
N GLU E 258 44.19 1.43 3.84
CA GLU E 258 45.26 2.38 3.58
C GLU E 258 46.26 1.83 2.56
N GLU E 259 46.17 2.32 1.33
CA GLU E 259 47.04 1.90 0.23
C GLU E 259 46.78 0.47 -0.22
N ALA F 2 36.33 4.00 6.88
CA ALA F 2 35.17 4.35 6.00
C ALA F 2 35.59 4.25 4.55
N ASN F 3 35.41 3.05 4.00
CA ASN F 3 35.76 2.75 2.62
C ASN F 3 35.26 1.35 2.31
N ARG F 4 35.91 0.38 2.96
CA ARG F 4 35.64 -1.04 2.80
C ARG F 4 34.95 -1.69 3.99
N GLN F 5 33.94 -2.49 3.69
CA GLN F 5 33.16 -3.21 4.68
C GLN F 5 33.98 -4.35 5.23
N VAL F 6 33.96 -4.49 6.54
CA VAL F 6 34.68 -5.56 7.23
C VAL F 6 33.68 -6.57 7.78
N SER F 7 34.09 -7.85 7.84
CA SER F 7 33.20 -8.88 8.34
C SER F 7 33.39 -9.05 9.85
N ILE F 8 32.30 -9.34 10.58
CA ILE F 8 32.36 -9.52 12.04
C ILE F 8 33.39 -10.55 12.49
N THR F 9 33.74 -11.48 11.61
CA THR F 9 34.71 -12.53 11.94
C THR F 9 36.04 -11.89 12.33
N GLY F 10 36.39 -10.80 11.65
CA GLY F 10 37.62 -10.09 11.96
C GLY F 10 37.63 -9.46 13.35
N PHE F 11 36.49 -9.51 14.04
CA PHE F 11 36.36 -8.95 15.39
C PHE F 11 35.97 -10.04 16.37
N PHE F 12 35.24 -11.05 15.87
CA PHE F 12 34.80 -12.16 16.70
C PHE F 12 35.39 -13.47 16.17
N GLN F 13 36.12 -14.19 17.03
CA GLN F 13 36.76 -15.46 16.67
C GLN F 13 35.76 -16.61 16.68
N ARG F 14 36.03 -17.64 15.89
CA ARG F 14 35.12 -18.80 15.84
C ARG F 14 35.62 -19.96 16.68
#